data_2WXJ
#
_entry.id   2WXJ
#
_cell.length_a   142.882
_cell.length_b   64.791
_cell.length_c   117.713
_cell.angle_alpha   90.00
_cell.angle_beta   103.21
_cell.angle_gamma   90.00
#
_symmetry.space_group_name_H-M   'C 1 2 1'
#
loop_
_entity.id
_entity.type
_entity.pdbx_description
1 polymer 'PHOSPHATIDYLINOSITOL-4,5-BISPHOSPHATE 3-KINASE CATALYTIC SUBUNIT DELTA ISOFORM'
2 non-polymer N-[6-(4-amino-1-{[2-(4-methylpiperazin-1-yl)quinolin-3-yl]methyl}-1H-pyrazolo[3,4-d]pyrimidin-3-yl)-1,3-benzothiazol-2-yl]acetamide
3 water water
#
_entity_poly.entity_id   1
_entity_poly.type   'polypeptide(L)'
_entity_poly.pdbx_seq_one_letter_code
;GGDRVKKLINSQISLLIGKGLHEFDSLRDPEVNDFRTKMRQFCEEAAAHRQQLGWVEWLQYSFPLQLEPSARGWRAGLLR
VSNRALLVNVKFEGSEESFTFQVSTKDMPLALMACALRKKATVFRQPLVEQPEEYALQVNGRHEYLYGNYPLCHFQYICS
CLHSGLTPHLTMVHSSSILAMRDEQSNPAPQVQKPRAKPPPIPAKKPSSVSLWSLEQPFSIELIEGRKVNADERMKLVVQ
AGLFHGNEMLCKTVSSSEVNVCSEPVWKQRLEFDISVCDLPRMARLCFALYAVVEKAKKARSTKKKSKKADCPIAWANLM
LFDYKDQLKTGERCLYMWPSVPDEKGELLNPAGTVRGNPNTESAAALVIYLPEVAPHPVYFPALEKILELGRHGERGRIT
EEEQLQLREILERRGSGELYEHEKDLVWKMRHEVQEHFPEALARLLLVTKWNKHEDVAQMLYLLCSWPELPVLSALELLD
FSFPDCYVGSFAIKSLRKLTDDELFQYLLQLVQVLKYESYLDCELTKFLLGRALANRKIGHFLFWHLRSEMHVPSVALRF
GLIMEAYCRGSTHHMKVLMKQGEALSKLKALNDFVKVSSQKTTKPQTKEMMHMCMRQETYMEALSHLQSPLDPSTLLEEV
CVEQCTFMDSKMKPLWIMYSSEEAGSAGNVGIIFKNGDDLRQDMLTLQMIQLMDVLWKQEGLDLRMTPYGCLPTGDRTGL
IEVVLHSDTIANIQLNKSNMAATAAFNKDALLNWLKSKNPGEALDRAIEEFTLSCAGYCVATYVLGIGDRHSDNIMIRES
GQLFHIDFGHFLGNFKTKFGINRERVPFILTYDFVHVIQQGKTNNSEKFERFRGYCERAYTILRRHGLLFLHLFALMRAA
GLPELSCSKDIQYLKDSLALGKTEEEALKHFRVKFNEALRESWKTKVNWLAHNVSKDNRQ
;
_entity_poly.pdbx_strand_id   A
#
loop_
_chem_comp.id
_chem_comp.type
_chem_comp.name
_chem_comp.formula
RW3 non-polymer N-[6-(4-amino-1-{[2-(4-methylpiperazin-1-yl)quinolin-3-yl]methyl}-1H-pyrazolo[3,4-d]pyrimidin-3-yl)-1,3-benzothiazol-2-yl]acetamide 'C29 H28 N10 O S'
#
# COMPACT_ATOMS: atom_id res chain seq x y z
N VAL A 5 -3.28 -35.36 3.44
CA VAL A 5 -2.21 -34.41 3.64
C VAL A 5 -2.33 -33.27 2.66
N LYS A 6 -2.48 -33.58 1.40
CA LYS A 6 -2.69 -32.57 0.41
C LYS A 6 -4.14 -32.14 0.48
N LYS A 7 -4.86 -32.66 1.43
CA LYS A 7 -6.27 -32.38 1.59
C LYS A 7 -6.39 -31.51 2.79
N LEU A 8 -5.43 -31.63 3.67
CA LEU A 8 -5.39 -30.83 4.85
C LEU A 8 -4.95 -29.45 4.40
N ILE A 9 -3.92 -29.42 3.60
CA ILE A 9 -3.39 -28.20 3.07
C ILE A 9 -4.40 -27.43 2.26
N ASN A 10 -5.23 -28.11 1.50
CA ASN A 10 -6.22 -27.44 0.70
C ASN A 10 -7.25 -26.83 1.58
N SER A 11 -7.41 -27.39 2.73
CA SER A 11 -8.42 -26.93 3.60
C SER A 11 -7.87 -25.80 4.41
N GLN A 12 -6.59 -25.81 4.65
CA GLN A 12 -5.92 -24.75 5.33
C GLN A 12 -5.89 -23.49 4.49
N ILE A 13 -5.61 -23.65 3.21
CA ILE A 13 -5.65 -22.55 2.24
C ILE A 13 -7.09 -21.97 2.19
N SER A 14 -8.09 -22.83 2.08
CA SER A 14 -9.50 -22.39 2.07
C SER A 14 -9.91 -21.52 3.27
N LEU A 15 -9.45 -21.89 4.46
CA LEU A 15 -9.74 -21.13 5.66
C LEU A 15 -8.95 -19.81 5.69
N LEU A 16 -7.69 -19.86 5.27
CA LEU A 16 -6.81 -18.70 5.30
C LEU A 16 -7.26 -17.54 4.37
N ILE A 17 -7.62 -17.89 3.14
CA ILE A 17 -8.00 -16.90 2.13
C ILE A 17 -9.47 -16.47 2.24
N GLY A 18 -10.24 -17.17 3.07
CA GLY A 18 -11.66 -16.89 3.24
C GLY A 18 -12.54 -17.19 2.03
N LYS A 19 -12.13 -18.15 1.20
CA LYS A 19 -12.92 -18.64 0.07
C LYS A 19 -12.55 -20.09 -0.17
N GLY A 20 -13.55 -20.97 -0.25
CA GLY A 20 -13.33 -22.39 -0.48
C GLY A 20 -12.84 -22.68 -1.90
N LEU A 21 -11.78 -23.50 -2.02
CA LEU A 21 -11.17 -23.85 -3.32
C LEU A 21 -12.14 -24.54 -4.28
N HIS A 22 -13.14 -25.23 -3.72
CA HIS A 22 -14.18 -25.90 -4.51
C HIS A 22 -14.94 -24.90 -5.37
N GLU A 23 -14.96 -23.64 -4.93
CA GLU A 23 -15.60 -22.58 -5.68
C GLU A 23 -14.85 -22.23 -6.97
N PHE A 24 -13.55 -22.52 -7.02
CA PHE A 24 -12.76 -22.34 -8.26
C PHE A 24 -13.08 -23.44 -9.29
N ASP A 25 -13.19 -24.68 -8.82
CA ASP A 25 -13.56 -25.80 -9.67
C ASP A 25 -14.92 -25.63 -10.29
N SER A 26 -15.89 -25.18 -9.49
CA SER A 26 -17.29 -25.10 -9.89
C SER A 26 -17.54 -24.17 -11.06
N LEU A 27 -16.58 -23.28 -11.33
CA LEU A 27 -16.70 -22.36 -12.45
C LEU A 27 -16.41 -23.01 -13.81
N ARG A 28 -15.91 -24.26 -13.79
CA ARG A 28 -15.54 -24.99 -15.00
C ARG A 28 -14.98 -24.03 -16.06
N ASP A 29 -14.07 -23.16 -15.62
CA ASP A 29 -13.55 -22.06 -16.45
C ASP A 29 -12.08 -22.28 -16.76
N PRO A 30 -11.75 -22.49 -18.05
CA PRO A 30 -10.38 -22.89 -18.39
C PRO A 30 -9.31 -21.84 -18.04
N GLU A 31 -9.65 -20.56 -18.10
CA GLU A 31 -8.68 -19.50 -17.74
C GLU A 31 -8.31 -19.57 -16.26
N VAL A 32 -9.31 -19.75 -15.40
CA VAL A 32 -9.05 -19.96 -13.99
C VAL A 32 -8.18 -21.20 -13.80
N ASN A 33 -8.54 -22.29 -14.45
CA ASN A 33 -7.76 -23.54 -14.38
C ASN A 33 -6.32 -23.39 -14.86
N ASP A 34 -6.13 -22.63 -15.93
CA ASP A 34 -4.80 -22.45 -16.50
C ASP A 34 -3.94 -21.57 -15.60
N PHE A 35 -4.53 -20.48 -15.10
CA PHE A 35 -3.89 -19.68 -14.09
C PHE A 35 -3.45 -20.55 -12.91
N ARG A 36 -4.34 -21.42 -12.46
CA ARG A 36 -4.04 -22.18 -11.25
C ARG A 36 -2.87 -23.13 -11.42
N THR A 37 -2.88 -23.94 -12.49
CA THR A 37 -1.83 -24.94 -12.65
C THR A 37 -0.49 -24.34 -13.02
N LYS A 38 -0.49 -23.27 -13.79
CA LYS A 38 0.74 -22.59 -14.15
C LYS A 38 1.36 -21.81 -12.99
N MET A 39 0.52 -21.13 -12.22
CA MET A 39 1.04 -20.36 -11.10
C MET A 39 1.45 -21.24 -9.95
N ARG A 40 0.82 -22.41 -9.85
CA ARG A 40 1.23 -23.40 -8.86
C ARG A 40 2.63 -23.85 -9.16
N GLN A 41 2.90 -24.03 -10.45
CA GLN A 41 4.13 -24.60 -10.93
C GLN A 41 5.23 -23.61 -10.64
N PHE A 42 5.00 -22.38 -11.05
CA PHE A 42 5.92 -21.28 -10.82
C PHE A 42 6.30 -21.11 -9.34
N CYS A 43 5.29 -21.21 -8.46
CA CYS A 43 5.51 -21.01 -7.04
C CYS A 43 6.23 -22.20 -6.40
N GLU A 44 5.94 -23.40 -6.88
CA GLU A 44 6.65 -24.59 -6.35
C GLU A 44 8.15 -24.61 -6.65
N GLU A 45 8.55 -24.13 -7.82
CA GLU A 45 9.97 -24.00 -8.18
C GLU A 45 10.67 -22.96 -7.31
N ALA A 46 10.00 -21.84 -7.08
CA ALA A 46 10.53 -20.80 -6.19
C ALA A 46 10.78 -21.38 -4.80
N ALA A 47 9.85 -22.20 -4.31
CA ALA A 47 10.00 -22.80 -2.99
C ALA A 47 11.15 -23.81 -2.98
N ALA A 48 11.35 -24.50 -4.10
CA ALA A 48 12.43 -25.47 -4.18
C ALA A 48 13.76 -24.75 -4.15
N HIS A 49 13.85 -23.66 -4.90
CA HIS A 49 15.04 -22.80 -4.91
C HIS A 49 15.43 -22.33 -3.51
N ARG A 50 14.42 -22.03 -2.69
CA ARG A 50 14.63 -21.48 -1.37
C ARG A 50 15.12 -22.52 -0.35
N GLN A 51 14.79 -23.78 -0.57
CA GLN A 51 15.12 -24.82 0.43
C GLN A 51 16.59 -25.24 0.40
N GLN A 52 17.28 -24.83 -0.66
CA GLN A 52 18.73 -24.98 -0.80
C GLN A 52 19.55 -23.68 -0.66
N LEU A 53 18.90 -22.53 -0.43
CA LEU A 53 19.62 -21.29 -0.14
C LEU A 53 20.72 -21.46 0.91
N GLY A 54 21.82 -20.74 0.74
CA GLY A 54 22.84 -20.66 1.79
C GLY A 54 22.26 -20.06 3.06
N TRP A 55 22.95 -20.22 4.19
CA TRP A 55 22.39 -19.74 5.45
C TRP A 55 22.29 -18.20 5.53
N VAL A 56 23.26 -17.50 4.97
CA VAL A 56 23.18 -16.06 4.85
C VAL A 56 22.02 -15.64 3.95
N GLU A 57 21.90 -16.31 2.81
CA GLU A 57 20.83 -16.03 1.83
C GLU A 57 19.45 -16.28 2.38
N TRP A 58 19.35 -17.25 3.28
CA TRP A 58 18.10 -17.53 3.96
C TRP A 58 17.76 -16.39 4.91
N LEU A 59 18.74 -15.97 5.71
CA LEU A 59 18.55 -14.81 6.59
C LEU A 59 17.97 -13.66 5.78
N GLN A 60 18.62 -13.35 4.65
CA GLN A 60 18.14 -12.35 3.69
C GLN A 60 16.70 -12.57 3.25
N TYR A 61 16.30 -13.83 3.02
CA TYR A 61 14.92 -14.15 2.66
C TYR A 61 13.91 -13.91 3.81
N SER A 62 14.26 -14.42 4.99
CA SER A 62 13.30 -14.55 6.06
C SER A 62 13.35 -13.35 6.99
N PHE A 63 14.56 -12.84 7.25
CA PHE A 63 14.75 -11.64 8.06
C PHE A 63 15.50 -10.56 7.27
N PRO A 64 14.86 -9.97 6.24
CA PRO A 64 15.55 -8.91 5.49
C PRO A 64 16.01 -7.74 6.36
N LEU A 65 17.16 -7.17 6.00
CA LEU A 65 17.79 -6.13 6.80
C LEU A 65 16.98 -4.86 6.91
N GLN A 66 17.00 -4.26 8.09
CA GLN A 66 16.30 -3.01 8.32
C GLN A 66 17.31 -1.92 8.59
N LEU A 67 17.56 -1.14 7.54
CA LEU A 67 18.59 -0.12 7.51
C LEU A 67 17.98 1.32 7.53
N GLU A 68 18.80 2.30 7.93
CA GLU A 68 18.47 3.73 7.78
C GLU A 68 18.54 4.14 6.29
N PRO A 69 17.69 5.09 5.88
CA PRO A 69 17.78 5.67 4.54
C PRO A 69 19.06 6.45 4.26
N ASN A 83 34.30 6.70 15.91
CA ASN A 83 33.58 7.95 16.14
C ASN A 83 33.00 8.01 17.56
N ARG A 84 31.74 7.58 17.72
CA ARG A 84 31.03 7.61 19.01
C ARG A 84 30.87 6.23 19.66
N ALA A 85 30.88 6.19 21.00
CA ALA A 85 30.81 4.94 21.76
C ALA A 85 29.39 4.55 22.15
N LEU A 86 29.10 3.26 22.16
CA LEU A 86 27.85 2.76 22.73
C LEU A 86 27.99 1.42 23.46
N LEU A 87 27.10 1.18 24.40
CA LEU A 87 27.04 -0.09 25.11
C LEU A 87 26.08 -1.09 24.46
N VAL A 88 26.53 -2.33 24.35
CA VAL A 88 25.72 -3.42 23.81
C VAL A 88 25.72 -4.56 24.81
N ASN A 89 24.59 -5.26 24.94
CA ASN A 89 24.54 -6.51 25.67
C ASN A 89 24.43 -7.66 24.66
N VAL A 90 25.24 -8.70 24.84
CA VAL A 90 25.29 -9.81 23.91
C VAL A 90 25.32 -11.09 24.70
N LYS A 91 24.60 -12.10 24.21
CA LYS A 91 24.51 -13.40 24.84
C LYS A 91 24.51 -14.44 23.74
N PHE A 92 24.45 -15.70 24.11
CA PHE A 92 24.40 -16.78 23.13
C PHE A 92 23.08 -17.49 23.21
N GLU A 93 22.76 -18.27 22.18
CA GLU A 93 21.40 -18.79 21.98
C GLU A 93 20.76 -19.53 23.17
N GLY A 94 21.53 -20.39 23.84
CA GLY A 94 20.96 -21.29 24.84
C GLY A 94 21.38 -21.07 26.28
N SER A 95 21.80 -19.86 26.60
CA SER A 95 22.26 -19.52 27.95
C SER A 95 21.81 -18.11 28.33
N GLU A 96 21.59 -17.90 29.62
CA GLU A 96 21.15 -16.59 30.09
C GLU A 96 22.32 -15.67 30.43
N GLU A 97 23.49 -16.26 30.61
CA GLU A 97 24.70 -15.48 30.87
C GLU A 97 25.02 -14.59 29.67
N SER A 98 25.40 -13.36 29.96
CA SER A 98 25.57 -12.34 28.94
C SER A 98 26.74 -11.44 29.28
N PHE A 99 27.21 -10.72 28.28
CA PHE A 99 28.34 -9.81 28.44
C PHE A 99 27.94 -8.45 27.91
N THR A 100 28.28 -7.39 28.66
CA THR A 100 28.07 -6.02 28.19
C THR A 100 29.40 -5.45 27.70
N PHE A 101 29.43 -5.06 26.43
CA PHE A 101 30.62 -4.53 25.78
C PHE A 101 30.43 -3.06 25.49
N GLN A 102 31.55 -2.35 25.35
CA GLN A 102 31.53 -1.00 24.84
C GLN A 102 32.15 -1.04 23.44
N VAL A 103 31.38 -0.63 22.43
CA VAL A 103 31.90 -0.53 21.06
C VAL A 103 31.71 0.85 20.41
N SER A 104 32.07 0.95 19.14
CA SER A 104 31.95 2.17 18.37
C SER A 104 30.75 2.05 17.43
N THR A 105 29.97 3.12 17.35
CA THR A 105 28.89 3.24 16.38
C THR A 105 29.37 3.01 14.94
N LYS A 106 30.69 2.93 14.77
CA LYS A 106 31.30 2.79 13.45
C LYS A 106 31.66 1.35 13.12
N ASP A 107 31.74 0.51 14.15
CA ASP A 107 32.11 -0.90 13.97
C ASP A 107 31.05 -1.73 13.28
N MET A 108 31.49 -2.66 12.46
CA MET A 108 30.60 -3.60 11.83
C MET A 108 30.24 -4.69 12.79
N PRO A 109 29.16 -5.38 12.48
CA PRO A 109 28.65 -6.45 13.32
C PRO A 109 29.68 -7.52 13.57
N LEU A 110 30.65 -7.61 12.68
CA LEU A 110 31.67 -8.62 12.79
C LEU A 110 32.63 -8.41 13.93
N ALA A 111 32.89 -7.17 14.27
CA ALA A 111 33.85 -6.84 15.30
C ALA A 111 33.25 -7.10 16.63
N LEU A 112 31.99 -6.79 16.70
CA LEU A 112 31.21 -7.04 17.89
C LEU A 112 31.09 -8.54 18.11
N MET A 113 30.86 -9.30 17.05
CA MET A 113 30.76 -10.74 17.17
C MET A 113 32.12 -11.31 17.60
N ALA A 114 33.20 -10.82 16.98
CA ALA A 114 34.57 -11.23 17.29
C ALA A 114 34.92 -10.93 18.75
N CYS A 115 34.37 -9.83 19.22
CA CYS A 115 34.47 -9.41 20.60
C CYS A 115 33.73 -10.37 21.54
N ALA A 116 32.49 -10.73 21.16
CA ALA A 116 31.67 -11.62 21.96
C ALA A 116 32.28 -13.02 22.10
N LEU A 117 32.98 -13.47 21.06
CA LEU A 117 33.61 -14.78 21.07
C LEU A 117 34.87 -14.83 21.92
N ARG A 118 35.57 -13.71 22.03
CA ARG A 118 36.68 -13.59 22.97
C ARG A 118 36.20 -13.85 24.39
N LYS A 119 35.13 -13.15 24.78
CA LYS A 119 34.60 -13.22 26.14
C LYS A 119 34.10 -14.62 26.51
N LYS A 120 33.55 -15.35 25.53
CA LYS A 120 33.12 -16.74 25.70
C LYS A 120 34.32 -17.66 25.92
N ALA A 121 35.34 -17.52 25.09
CA ALA A 121 36.58 -18.30 25.18
C ALA A 121 37.33 -18.07 26.49
N THR A 122 37.20 -16.88 27.08
CA THR A 122 37.81 -16.61 28.37
C THR A 122 36.97 -17.19 29.51
N VAL A 123 35.65 -16.95 29.49
CA VAL A 123 34.74 -17.49 30.50
C VAL A 123 34.71 -19.03 30.48
N PHE A 124 34.65 -19.63 29.29
CA PHE A 124 34.70 -21.09 29.16
C PHE A 124 36.13 -21.64 29.08
N ARG A 125 37.09 -20.83 29.54
CA ARG A 125 38.50 -21.22 29.64
C ARG A 125 39.14 -21.71 28.33
N GLN A 126 38.47 -21.44 27.20
CA GLN A 126 38.95 -21.75 25.85
C GLN A 126 39.16 -23.25 25.62
N GLN A 131 35.51 -18.37 14.98
CA GLN A 131 35.06 -17.79 13.72
C GLN A 131 33.78 -16.97 13.86
N PRO A 132 33.91 -15.63 13.79
CA PRO A 132 32.75 -14.72 13.84
C PRO A 132 31.79 -14.92 12.67
N GLU A 133 32.33 -15.27 11.51
CA GLU A 133 31.54 -15.36 10.28
C GLU A 133 30.55 -16.51 10.22
N GLU A 134 30.44 -17.26 11.31
CA GLU A 134 29.51 -18.37 11.39
C GLU A 134 28.29 -17.96 12.17
N TYR A 135 28.20 -16.67 12.49
CA TYR A 135 27.12 -16.16 13.29
C TYR A 135 26.42 -14.95 12.69
N ALA A 136 25.19 -14.76 13.13
CA ALA A 136 24.50 -13.50 12.95
C ALA A 136 23.98 -13.04 14.31
N LEU A 137 23.70 -11.76 14.42
CA LEU A 137 23.17 -11.21 15.65
C LEU A 137 21.67 -10.98 15.57
N GLN A 138 20.90 -11.71 16.36
CA GLN A 138 19.47 -11.48 16.45
C GLN A 138 19.15 -10.37 17.45
N VAL A 139 18.19 -9.52 17.12
CA VAL A 139 17.63 -8.62 18.11
C VAL A 139 16.81 -9.51 19.04
N ASN A 140 17.03 -9.37 20.34
CA ASN A 140 16.35 -10.19 21.32
C ASN A 140 14.83 -10.11 21.20
N GLY A 141 14.20 -11.28 21.11
CA GLY A 141 12.76 -11.41 21.13
C GLY A 141 12.02 -10.88 19.92
N ARG A 142 12.74 -10.55 18.83
CA ARG A 142 12.14 -10.14 17.55
C ARG A 142 12.65 -11.01 16.43
N HIS A 143 11.94 -11.00 15.29
CA HIS A 143 12.49 -11.59 14.06
C HIS A 143 13.30 -10.56 13.28
N GLU A 144 14.48 -10.24 13.81
CA GLU A 144 15.31 -9.18 13.23
C GLU A 144 16.76 -9.50 13.54
N TYR A 145 17.60 -9.32 12.54
CA TYR A 145 18.97 -9.77 12.63
C TYR A 145 19.91 -8.69 12.12
N LEU A 146 21.10 -8.64 12.68
CA LEU A 146 22.12 -7.68 12.28
C LEU A 146 23.26 -8.47 11.62
N TYR A 147 23.51 -8.17 10.35
CA TYR A 147 24.56 -8.81 9.57
C TYR A 147 24.91 -7.93 8.38
N GLY A 148 25.97 -8.30 7.66
CA GLY A 148 26.44 -7.52 6.52
C GLY A 148 27.50 -6.51 6.90
N ASN A 149 28.15 -5.93 5.90
CA ASN A 149 29.18 -4.94 6.13
C ASN A 149 28.55 -3.57 6.22
N TYR A 150 28.05 -3.25 7.41
CA TYR A 150 27.42 -1.97 7.69
C TYR A 150 27.80 -1.56 9.09
N PRO A 151 28.04 -0.25 9.31
CA PRO A 151 28.27 0.19 10.68
C PRO A 151 26.98 0.10 11.48
N LEU A 152 27.10 -0.24 12.76
CA LEU A 152 25.96 -0.44 13.64
C LEU A 152 24.93 0.70 13.54
N CYS A 153 25.41 1.91 13.38
CA CYS A 153 24.53 3.04 13.34
C CYS A 153 23.65 3.07 12.11
N HIS A 154 23.86 2.14 11.19
CA HIS A 154 23.10 2.09 9.94
C HIS A 154 21.92 1.16 10.02
N PHE A 155 21.90 0.34 11.04
CA PHE A 155 20.76 -0.52 11.36
C PHE A 155 19.71 0.28 12.09
N GLN A 156 18.49 0.26 11.59
CA GLN A 156 17.36 0.93 12.26
C GLN A 156 17.36 0.68 13.76
N TYR A 157 17.58 -0.57 14.17
CA TYR A 157 17.54 -0.93 15.57
C TYR A 157 18.62 -0.24 16.43
N ILE A 158 19.88 -0.32 16.02
CA ILE A 158 20.95 0.33 16.78
C ILE A 158 20.67 1.81 16.79
N CYS A 159 20.38 2.31 15.59
CA CYS A 159 20.06 3.72 15.39
C CYS A 159 18.95 4.22 16.32
N SER A 160 17.86 3.46 16.39
CA SER A 160 16.73 3.75 17.28
C SER A 160 17.11 3.72 18.76
N CYS A 161 17.97 2.77 19.12
CA CYS A 161 18.42 2.60 20.49
C CYS A 161 19.16 3.83 20.99
N LEU A 162 19.99 4.40 20.11
CA LEU A 162 20.76 5.61 20.40
C LEU A 162 19.86 6.79 20.77
N HIS A 163 18.81 7.00 19.99
CA HIS A 163 17.93 8.14 20.18
C HIS A 163 17.11 8.07 21.46
N SER A 164 16.72 6.86 21.87
CA SER A 164 15.88 6.72 23.06
C SER A 164 16.70 6.52 24.35
N GLY A 165 18.02 6.41 24.21
CA GLY A 165 18.90 6.17 25.36
C GLY A 165 19.32 4.70 25.49
N LEU A 166 18.36 3.78 25.35
CA LEU A 166 18.51 2.34 25.63
C LEU A 166 19.77 1.62 25.12
N THR A 167 20.12 0.50 25.77
CA THR A 167 21.25 -0.38 25.39
C THR A 167 20.78 -1.49 24.44
N PRO A 168 21.34 -1.55 23.22
CA PRO A 168 21.00 -2.66 22.30
C PRO A 168 21.25 -4.03 22.93
N HIS A 169 20.32 -4.97 22.72
CA HIS A 169 20.42 -6.34 23.27
C HIS A 169 20.40 -7.36 22.14
N LEU A 170 21.46 -8.15 22.02
CA LEU A 170 21.64 -9.04 20.87
C LEU A 170 22.01 -10.46 21.26
N THR A 171 21.59 -11.43 20.46
CA THR A 171 21.95 -12.81 20.67
C THR A 171 22.79 -13.31 19.50
N MET A 172 23.91 -13.96 19.83
CA MET A 172 24.76 -14.63 18.85
C MET A 172 24.05 -15.91 18.39
N VAL A 173 23.71 -15.98 17.11
CA VAL A 173 23.10 -17.19 16.59
C VAL A 173 24.00 -17.84 15.54
N HIS A 174 24.28 -19.12 15.75
CA HIS A 174 25.19 -19.88 14.90
C HIS A 174 24.51 -20.27 13.58
N SER A 175 25.31 -20.40 12.53
CA SER A 175 24.84 -20.77 11.19
C SER A 175 24.09 -22.08 11.18
N SER A 176 24.56 -23.03 11.99
CA SER A 176 23.92 -24.34 12.13
C SER A 176 22.49 -24.21 12.66
N SER A 177 22.25 -23.16 13.43
CA SER A 177 20.94 -22.94 14.03
C SER A 177 19.99 -22.30 13.03
N ILE A 178 20.55 -21.47 12.15
CA ILE A 178 19.77 -20.82 11.10
C ILE A 178 19.34 -21.82 10.03
N LEU A 179 20.25 -22.72 9.67
CA LEU A 179 19.93 -23.80 8.73
C LEU A 179 18.84 -24.73 9.20
N ALA A 180 18.76 -24.92 10.52
CA ALA A 180 17.69 -25.73 11.11
C ALA A 180 16.34 -25.02 10.97
N MET A 181 16.37 -23.69 10.91
CA MET A 181 15.14 -22.94 10.66
C MET A 181 14.65 -23.16 9.24
N ARG A 182 15.56 -23.04 8.28
CA ARG A 182 15.26 -23.31 6.88
C ARG A 182 14.67 -24.70 6.70
N ASP A 183 15.33 -25.70 7.26
CA ASP A 183 14.93 -27.09 7.04
C ASP A 183 13.55 -27.38 7.60
N GLU A 184 13.27 -26.86 8.79
CA GLU A 184 11.95 -27.05 9.39
C GLU A 184 10.83 -26.35 8.59
N GLN A 185 11.21 -25.44 7.69
CA GLN A 185 10.23 -24.68 6.91
C GLN A 185 9.96 -25.20 5.49
N SER A 186 10.57 -26.34 5.13
CA SER A 186 10.35 -26.97 3.81
C SER A 186 8.89 -27.38 3.60
N ASN A 187 8.49 -27.51 2.32
CA ASN A 187 7.08 -27.77 1.96
C ASN A 187 6.60 -29.21 2.21
N LEU A 212 -6.79 -11.24 -37.73
CA LEU A 212 -5.65 -10.51 -38.20
C LEU A 212 -6.16 -9.36 -38.97
N TRP A 213 -5.25 -8.76 -39.91
CA TRP A 213 -5.58 -7.56 -40.73
C TRP A 213 -6.59 -7.79 -41.89
N SER A 214 -7.05 -9.03 -42.05
CA SER A 214 -7.98 -9.36 -43.14
C SER A 214 -9.34 -8.65 -43.04
N LEU A 215 -9.91 -8.66 -41.85
CA LEU A 215 -11.29 -8.22 -41.65
C LEU A 215 -11.44 -6.70 -41.75
N GLU A 216 -11.82 -6.22 -42.94
CA GLU A 216 -11.93 -4.77 -43.20
C GLU A 216 -13.32 -4.16 -42.91
N GLN A 217 -14.33 -5.03 -42.72
CA GLN A 217 -15.68 -4.56 -42.41
C GLN A 217 -15.69 -3.88 -41.04
N PRO A 218 -16.65 -2.96 -40.81
CA PRO A 218 -16.81 -2.37 -39.49
C PRO A 218 -17.08 -3.42 -38.40
N PHE A 219 -16.75 -3.09 -37.15
CA PHE A 219 -17.12 -3.97 -36.05
C PHE A 219 -18.56 -3.73 -35.68
N SER A 220 -19.21 -4.76 -35.14
CA SER A 220 -20.63 -4.70 -34.83
C SER A 220 -21.03 -5.84 -33.91
N ILE A 221 -22.10 -5.60 -33.16
CA ILE A 221 -22.65 -6.60 -32.27
C ILE A 221 -24.16 -6.67 -32.48
N GLU A 222 -24.76 -7.80 -32.10
CA GLU A 222 -26.21 -7.85 -31.94
C GLU A 222 -26.51 -7.68 -30.46
N LEU A 223 -27.31 -6.67 -30.15
CA LEU A 223 -27.88 -6.48 -28.83
C LEU A 223 -29.21 -7.24 -28.80
N ILE A 224 -29.26 -8.32 -28.02
CA ILE A 224 -30.43 -9.20 -28.02
C ILE A 224 -31.45 -8.82 -26.92
N GLU A 225 -31.12 -9.11 -25.66
CA GLU A 225 -32.07 -8.95 -24.54
C GLU A 225 -31.44 -8.79 -23.15
N GLY A 226 -32.28 -8.55 -22.14
CA GLY A 226 -31.85 -8.46 -20.73
C GLY A 226 -32.93 -8.92 -19.74
N ARG A 227 -32.66 -8.83 -18.44
CA ARG A 227 -33.65 -9.18 -17.39
C ARG A 227 -33.49 -8.45 -16.04
N LYS A 228 -34.17 -7.30 -15.92
CA LYS A 228 -33.81 -6.27 -14.94
C LYS A 228 -34.98 -5.51 -14.28
N VAL A 229 -34.64 -4.56 -13.40
CA VAL A 229 -35.60 -3.85 -12.55
C VAL A 229 -35.53 -2.31 -12.60
N ASN A 230 -36.65 -1.66 -12.90
CA ASN A 230 -36.74 -0.18 -12.90
C ASN A 230 -38.14 0.47 -12.93
N ALA A 231 -38.16 1.78 -13.18
CA ALA A 231 -39.35 2.64 -13.11
C ALA A 231 -39.84 3.08 -14.47
N MET A 235 -41.74 5.62 -18.68
CA MET A 235 -40.28 5.80 -18.79
C MET A 235 -39.63 4.67 -19.58
N LYS A 236 -38.48 4.95 -20.20
CA LYS A 236 -37.86 3.99 -21.12
C LYS A 236 -36.38 3.70 -20.83
N LEU A 237 -35.89 2.58 -21.36
CA LEU A 237 -34.53 2.09 -21.13
C LEU A 237 -33.67 2.10 -22.40
N VAL A 238 -32.41 2.51 -22.25
CA VAL A 238 -31.46 2.60 -23.38
C VAL A 238 -30.16 1.87 -23.03
N VAL A 239 -29.57 1.20 -24.00
CA VAL A 239 -28.22 0.65 -23.84
C VAL A 239 -27.26 1.50 -24.65
N GLN A 240 -26.22 2.01 -23.99
CA GLN A 240 -25.17 2.75 -24.67
C GLN A 240 -23.87 1.98 -24.59
N ALA A 241 -23.12 1.99 -25.70
CA ALA A 241 -21.90 1.22 -25.78
C ALA A 241 -20.74 2.04 -26.35
N GLY A 242 -19.51 1.74 -25.91
CA GLY A 242 -18.31 2.36 -26.47
C GLY A 242 -17.18 1.37 -26.54
N LEU A 243 -16.34 1.50 -27.56
CA LEU A 243 -15.09 0.74 -27.62
C LEU A 243 -13.98 1.60 -27.04
N PHE A 244 -13.27 1.07 -26.05
CA PHE A 244 -12.22 1.81 -25.35
C PHE A 244 -10.88 1.09 -25.36
N HIS A 245 -9.81 1.87 -25.41
CA HIS A 245 -8.45 1.41 -25.17
C HIS A 245 -7.90 2.31 -24.04
N GLY A 246 -8.11 1.89 -22.80
CA GLY A 246 -7.89 2.74 -21.64
C GLY A 246 -9.01 3.75 -21.50
N ASN A 247 -8.65 5.01 -21.21
CA ASN A 247 -9.64 6.08 -21.14
C ASN A 247 -10.09 6.56 -22.52
N GLU A 248 -9.18 6.50 -23.49
CA GLU A 248 -9.46 6.94 -24.85
C GLU A 248 -10.41 5.99 -25.62
N MET A 249 -11.43 6.59 -26.24
CA MET A 249 -12.34 5.88 -27.14
C MET A 249 -11.66 5.59 -28.49
N LEU A 250 -12.03 4.47 -29.11
CA LEU A 250 -11.47 4.08 -30.41
C LEU A 250 -12.35 4.59 -31.57
N CYS A 251 -13.54 5.07 -31.20
CA CYS A 251 -14.48 5.77 -32.08
C CYS A 251 -15.59 6.30 -31.19
N LYS A 252 -16.56 7.02 -31.77
CA LYS A 252 -17.67 7.56 -30.98
C LYS A 252 -18.57 6.48 -30.39
N THR A 253 -19.22 6.78 -29.27
CA THR A 253 -20.16 5.82 -28.66
C THR A 253 -21.45 5.79 -29.47
N VAL A 254 -22.11 4.64 -29.48
CA VAL A 254 -23.37 4.46 -30.20
C VAL A 254 -24.48 4.01 -29.25
N SER A 255 -25.67 4.59 -29.39
CA SER A 255 -26.77 4.33 -28.46
C SER A 255 -27.83 3.36 -28.99
N SER A 256 -28.65 2.85 -28.08
CA SER A 256 -29.81 2.01 -28.43
C SER A 256 -30.98 2.86 -28.88
N SER A 257 -31.98 2.17 -29.44
CA SER A 257 -33.31 2.72 -29.61
C SER A 257 -34.04 2.59 -28.26
N GLU A 258 -34.92 3.55 -27.97
CA GLU A 258 -35.75 3.53 -26.77
C GLU A 258 -36.76 2.37 -26.77
N VAL A 259 -36.85 1.69 -25.63
CA VAL A 259 -37.89 0.67 -25.37
C VAL A 259 -38.42 0.85 -23.94
N ASN A 260 -39.71 0.57 -23.76
CA ASN A 260 -40.39 0.74 -22.45
C ASN A 260 -39.75 -0.04 -21.29
N VAL A 261 -39.86 0.51 -20.08
CA VAL A 261 -39.27 -0.06 -18.86
C VAL A 261 -39.72 -1.51 -18.55
N CYS A 262 -40.95 -1.86 -18.92
CA CYS A 262 -41.47 -3.21 -18.75
C CYS A 262 -40.54 -4.21 -19.44
N SER A 263 -39.85 -5.03 -18.64
CA SER A 263 -38.77 -5.89 -19.13
C SER A 263 -38.09 -6.68 -18.00
N GLU A 264 -37.31 -7.75 -18.27
CA GLU A 264 -37.18 -8.53 -19.54
C GLU A 264 -37.13 -7.84 -20.91
N PRO A 265 -36.09 -7.01 -21.16
CA PRO A 265 -36.03 -6.22 -22.42
C PRO A 265 -35.69 -6.99 -23.68
N VAL A 266 -36.18 -6.48 -24.81
CA VAL A 266 -35.95 -7.10 -26.12
C VAL A 266 -35.54 -6.04 -27.16
N TRP A 267 -34.49 -6.34 -27.92
CA TRP A 267 -33.93 -5.37 -28.88
C TRP A 267 -33.70 -5.93 -30.29
N LYS A 268 -33.07 -7.10 -30.36
CA LYS A 268 -32.72 -7.76 -31.62
C LYS A 268 -32.09 -6.82 -32.66
N GLN A 269 -31.27 -5.86 -32.20
CA GLN A 269 -30.69 -4.87 -33.11
C GLN A 269 -29.19 -5.01 -33.29
N ARG A 270 -28.70 -4.60 -34.46
CA ARG A 270 -27.26 -4.55 -34.75
C ARG A 270 -26.72 -3.16 -34.43
N LEU A 271 -25.83 -3.10 -33.45
CA LEU A 271 -25.06 -1.91 -33.19
C LEU A 271 -23.75 -2.06 -33.97
N GLU A 272 -23.57 -1.18 -34.96
CA GLU A 272 -22.35 -1.18 -35.77
C GLU A 272 -21.38 -0.08 -35.31
N PHE A 273 -20.10 -0.42 -35.26
CA PHE A 273 -19.08 0.50 -34.78
C PHE A 273 -18.20 1.09 -35.88
N ASP A 274 -17.97 2.40 -35.77
CA ASP A 274 -17.23 3.18 -36.75
C ASP A 274 -15.72 2.91 -36.64
N ILE A 275 -15.33 1.70 -37.02
CA ILE A 275 -13.93 1.23 -36.97
C ILE A 275 -13.82 -0.16 -37.59
N SER A 276 -12.76 -0.36 -38.38
CA SER A 276 -12.50 -1.65 -39.03
C SER A 276 -12.12 -2.72 -38.02
N VAL A 277 -12.72 -3.90 -38.14
CA VAL A 277 -12.43 -5.03 -37.24
C VAL A 277 -10.93 -5.35 -37.22
N CYS A 278 -10.29 -5.27 -38.39
CA CYS A 278 -8.85 -5.48 -38.49
C CYS A 278 -8.02 -4.41 -37.78
N ASP A 279 -8.68 -3.42 -37.18
CA ASP A 279 -7.99 -2.33 -36.46
C ASP A 279 -8.05 -2.44 -34.94
N LEU A 280 -8.95 -3.26 -34.43
CA LEU A 280 -9.07 -3.45 -32.98
C LEU A 280 -7.72 -3.85 -32.37
N PRO A 281 -7.17 -3.02 -31.46
CA PRO A 281 -5.91 -3.38 -30.79
C PRO A 281 -6.09 -4.57 -29.86
N ARG A 282 -4.99 -5.27 -29.57
CA ARG A 282 -5.01 -6.48 -28.73
C ARG A 282 -5.90 -6.37 -27.50
N MET A 283 -5.91 -5.19 -26.90
CA MET A 283 -6.57 -4.89 -25.62
C MET A 283 -7.86 -4.09 -25.81
N ALA A 284 -8.48 -4.22 -26.96
CA ALA A 284 -9.79 -3.62 -27.19
C ALA A 284 -10.77 -4.04 -26.09
N ARG A 285 -11.40 -3.05 -25.49
CA ARG A 285 -12.36 -3.24 -24.41
C ARG A 285 -13.73 -2.71 -24.86
N LEU A 286 -14.73 -3.58 -24.86
CA LEU A 286 -16.10 -3.19 -25.24
C LEU A 286 -16.92 -2.96 -23.98
N CYS A 287 -17.55 -1.78 -23.87
CA CYS A 287 -18.23 -1.33 -22.64
C CYS A 287 -19.70 -1.00 -22.81
N PHE A 288 -20.53 -1.39 -21.85
CA PHE A 288 -21.99 -1.16 -21.91
C PHE A 288 -22.52 -0.42 -20.70
N ALA A 289 -23.48 0.47 -20.94
CA ALA A 289 -24.25 1.07 -19.84
C ALA A 289 -25.75 0.98 -20.15
N LEU A 290 -26.51 0.51 -19.17
CA LEU A 290 -27.96 0.47 -19.25
C LEU A 290 -28.56 1.48 -18.28
N TYR A 291 -29.42 2.34 -18.78
CA TYR A 291 -30.03 3.38 -17.96
C TYR A 291 -31.45 3.61 -18.41
N ALA A 292 -32.17 4.46 -17.68
CA ALA A 292 -33.53 4.84 -18.03
C ALA A 292 -33.61 6.33 -18.37
N VAL A 293 -34.64 6.70 -19.12
CA VAL A 293 -34.85 8.08 -19.51
C VAL A 293 -36.32 8.32 -19.88
N VAL A 294 -36.74 9.59 -19.82
CA VAL A 294 -38.09 10.00 -20.23
C VAL A 294 -38.27 9.92 -21.75
N ASP A 311 -31.70 11.97 -16.18
CA ASP A 311 -31.14 10.67 -16.53
C ASP A 311 -30.90 9.80 -15.31
N CYS A 312 -31.26 8.52 -15.42
CA CYS A 312 -31.24 7.60 -14.30
C CYS A 312 -30.48 6.31 -14.65
N PRO A 313 -29.26 6.15 -14.10
CA PRO A 313 -28.40 5.01 -14.40
C PRO A 313 -28.78 3.77 -13.60
N ILE A 314 -28.69 2.60 -14.23
CA ILE A 314 -29.08 1.35 -13.61
C ILE A 314 -27.90 0.39 -13.40
N ALA A 315 -27.16 0.12 -14.47
CA ALA A 315 -26.07 -0.87 -14.43
C ALA A 315 -25.08 -0.66 -15.58
N TRP A 316 -23.92 -1.31 -15.47
CA TRP A 316 -22.87 -1.28 -16.50
C TRP A 316 -22.17 -2.63 -16.61
N ALA A 317 -21.42 -2.85 -17.68
CA ALA A 317 -20.64 -4.09 -17.85
C ALA A 317 -19.59 -3.95 -18.94
N ASN A 318 -18.42 -4.55 -18.74
CA ASN A 318 -17.35 -4.56 -19.77
C ASN A 318 -16.87 -5.95 -20.15
N LEU A 319 -16.37 -6.09 -21.39
CA LEU A 319 -15.58 -7.25 -21.78
C LEU A 319 -14.46 -6.96 -22.82
N MET A 320 -13.41 -7.78 -22.76
CA MET A 320 -12.35 -7.78 -23.75
C MET A 320 -12.86 -8.43 -25.02
N LEU A 321 -12.43 -7.93 -26.17
CA LEU A 321 -12.87 -8.46 -27.47
C LEU A 321 -12.06 -9.68 -27.91
N PHE A 322 -10.89 -9.84 -27.31
CA PHE A 322 -10.13 -11.08 -27.41
C PHE A 322 -10.10 -11.79 -26.05
N ASP A 323 -10.17 -13.12 -26.08
CA ASP A 323 -9.97 -13.92 -24.87
C ASP A 323 -8.50 -13.96 -24.45
N TYR A 324 -8.21 -14.75 -23.42
CA TYR A 324 -6.86 -14.80 -22.85
C TYR A 324 -5.83 -15.51 -23.73
N LYS A 325 -6.34 -16.28 -24.69
CA LYS A 325 -5.50 -17.02 -25.64
C LYS A 325 -5.33 -16.25 -26.95
N ASP A 326 -5.66 -14.96 -26.92
CA ASP A 326 -5.51 -14.04 -28.07
C ASP A 326 -6.60 -14.18 -29.12
N GLN A 327 -7.57 -15.07 -28.89
CA GLN A 327 -8.56 -15.31 -29.92
C GLN A 327 -9.72 -14.31 -29.85
N LEU A 328 -10.10 -13.82 -31.03
CA LEU A 328 -11.27 -12.94 -31.15
C LEU A 328 -12.52 -13.72 -30.77
N LYS A 329 -13.51 -13.00 -30.25
CA LYS A 329 -14.63 -13.61 -29.57
C LYS A 329 -15.84 -13.84 -30.44
N THR A 330 -16.47 -14.99 -30.26
CA THR A 330 -17.73 -15.39 -30.92
C THR A 330 -18.33 -16.49 -30.06
N GLY A 331 -19.66 -16.63 -30.02
CA GLY A 331 -20.61 -15.79 -30.76
C GLY A 331 -21.52 -15.06 -29.78
N GLU A 332 -22.38 -15.83 -29.08
CA GLU A 332 -23.30 -15.28 -28.08
C GLU A 332 -22.70 -15.18 -26.66
N ARG A 333 -22.86 -14.01 -26.04
CA ARG A 333 -22.45 -13.79 -24.65
C ARG A 333 -23.59 -13.29 -23.77
N CYS A 334 -23.55 -13.68 -22.50
CA CYS A 334 -24.49 -13.17 -21.50
C CYS A 334 -23.76 -12.45 -20.36
N LEU A 335 -24.00 -11.14 -20.23
CA LEU A 335 -23.21 -10.27 -19.37
C LEU A 335 -23.93 -9.88 -18.08
N TYR A 336 -23.48 -10.40 -16.95
CA TYR A 336 -24.11 -10.09 -15.66
C TYR A 336 -23.59 -8.76 -15.12
N MET A 337 -24.50 -7.78 -15.05
CA MET A 337 -24.12 -6.39 -14.86
C MET A 337 -24.03 -5.94 -13.42
N TRP A 338 -23.20 -4.93 -13.18
CA TRP A 338 -23.00 -4.32 -11.88
C TRP A 338 -23.85 -3.06 -11.74
N PRO A 339 -24.42 -2.83 -10.54
CA PRO A 339 -25.19 -1.62 -10.19
C PRO A 339 -24.38 -0.34 -10.40
N SER A 340 -25.07 0.77 -10.66
CA SER A 340 -24.40 2.04 -10.97
C SER A 340 -24.50 3.10 -9.87
N VAL A 341 -23.34 3.43 -9.28
CA VAL A 341 -23.10 4.61 -8.43
C VAL A 341 -24.32 5.19 -7.69
N LEU A 348 -21.76 7.43 -17.35
CA LEU A 348 -22.50 6.18 -17.56
C LEU A 348 -21.58 5.03 -17.98
N LEU A 349 -20.75 5.27 -18.99
CA LEU A 349 -19.75 4.29 -19.43
C LEU A 349 -18.57 4.23 -18.46
N ASN A 350 -18.13 3.02 -18.16
CA ASN A 350 -17.16 2.78 -17.10
C ASN A 350 -15.94 1.97 -17.59
N PRO A 351 -15.09 2.59 -18.43
CA PRO A 351 -13.98 1.87 -19.07
C PRO A 351 -13.04 1.20 -18.07
N ALA A 352 -12.91 1.80 -16.90
CA ALA A 352 -11.97 1.32 -15.89
C ALA A 352 -12.49 0.14 -15.07
N GLY A 353 -13.80 -0.12 -15.14
CA GLY A 353 -14.41 -1.22 -14.41
C GLY A 353 -13.86 -2.56 -14.84
N THR A 354 -13.87 -3.54 -13.94
CA THR A 354 -13.46 -4.92 -14.26
C THR A 354 -14.17 -5.48 -15.50
N VAL A 355 -13.53 -6.45 -16.15
CA VAL A 355 -14.04 -7.07 -17.37
C VAL A 355 -14.59 -8.46 -17.09
N ARG A 356 -14.91 -8.69 -15.82
CA ARG A 356 -15.56 -9.93 -15.41
C ARG A 356 -16.97 -9.56 -14.98
N GLY A 357 -17.90 -10.49 -15.16
CA GLY A 357 -19.30 -10.23 -14.85
C GLY A 357 -19.58 -10.35 -13.37
N ASN A 358 -20.67 -9.73 -12.93
CA ASN A 358 -21.17 -9.82 -11.57
C ASN A 358 -21.46 -11.29 -11.18
N PRO A 359 -20.82 -11.76 -10.09
CA PRO A 359 -21.00 -13.12 -9.57
C PRO A 359 -22.38 -13.40 -8.98
N ASN A 360 -23.04 -12.37 -8.47
CA ASN A 360 -24.40 -12.49 -7.96
C ASN A 360 -25.39 -12.57 -9.14
N THR A 361 -25.38 -13.69 -9.82
CA THR A 361 -26.15 -13.87 -11.06
C THR A 361 -27.65 -14.09 -10.81
N GLU A 362 -28.00 -14.54 -9.61
CA GLU A 362 -29.40 -14.69 -9.22
C GLU A 362 -30.13 -13.35 -9.29
N SER A 363 -29.46 -12.30 -8.85
CA SER A 363 -30.09 -11.01 -8.68
C SER A 363 -29.62 -9.96 -9.69
N ALA A 364 -28.49 -10.22 -10.36
CA ALA A 364 -27.91 -9.27 -11.30
C ALA A 364 -28.69 -9.17 -12.61
N ALA A 365 -28.86 -7.93 -13.06
CA ALA A 365 -29.40 -7.65 -14.37
C ALA A 365 -28.38 -8.15 -15.39
N ALA A 366 -28.88 -8.74 -16.47
CA ALA A 366 -28.02 -9.40 -17.44
C ALA A 366 -28.36 -8.97 -18.87
N LEU A 367 -27.33 -8.72 -19.67
CA LEU A 367 -27.54 -8.40 -21.07
C LEU A 367 -27.05 -9.56 -21.93
N VAL A 368 -27.84 -9.90 -22.94
CA VAL A 368 -27.45 -10.92 -23.90
C VAL A 368 -27.05 -10.22 -25.20
N ILE A 369 -25.86 -10.55 -25.71
CA ILE A 369 -25.36 -9.97 -26.95
C ILE A 369 -24.85 -11.06 -27.89
N TYR A 370 -24.43 -10.69 -29.09
CA TYR A 370 -23.91 -11.65 -30.05
C TYR A 370 -22.73 -11.12 -30.89
N LEU A 371 -21.53 -11.60 -30.58
CA LEU A 371 -20.36 -11.33 -31.41
C LEU A 371 -20.38 -12.24 -32.64
N PRO A 372 -20.23 -11.64 -33.84
CA PRO A 372 -20.48 -12.31 -35.12
C PRO A 372 -19.25 -13.02 -35.71
N GLU A 373 -19.35 -14.35 -35.83
CA GLU A 373 -18.25 -15.18 -36.33
C GLU A 373 -17.89 -14.81 -37.77
N VAL A 374 -16.67 -14.30 -37.92
CA VAL A 374 -16.16 -13.91 -39.26
C VAL A 374 -15.20 -14.99 -39.83
N ALA A 375 -15.93 -16.22 -40.08
CA ALA A 375 -15.25 -17.37 -40.66
C ALA A 375 -16.23 -18.23 -41.46
N PRO A 378 -10.95 -19.96 -36.87
CA PRO A 378 -10.81 -18.98 -35.79
C PRO A 378 -9.84 -17.86 -36.17
N VAL A 379 -9.94 -16.73 -35.49
CA VAL A 379 -9.05 -15.59 -35.74
C VAL A 379 -8.33 -15.11 -34.47
N TYR A 380 -7.00 -15.12 -34.51
CA TYR A 380 -6.14 -14.72 -33.39
C TYR A 380 -5.43 -13.40 -33.63
N PHE A 381 -4.88 -12.81 -32.57
CA PHE A 381 -4.03 -11.65 -32.72
C PHE A 381 -2.65 -12.10 -33.19
N PRO A 382 -2.05 -11.39 -34.18
CA PRO A 382 -0.83 -11.87 -34.82
C PRO A 382 0.38 -11.87 -33.89
N ALA A 383 1.22 -12.89 -34.01
CA ALA A 383 2.45 -13.01 -33.22
C ALA A 383 3.34 -11.80 -33.41
N LEU A 384 4.09 -11.45 -32.38
CA LEU A 384 5.03 -10.34 -32.43
C LEU A 384 5.99 -10.46 -33.62
N GLU A 385 6.35 -11.70 -33.97
CA GLU A 385 7.19 -11.98 -35.14
C GLU A 385 6.59 -11.34 -36.41
N LYS A 386 5.28 -11.48 -36.57
CA LYS A 386 4.54 -10.79 -37.64
C LYS A 386 4.55 -9.28 -37.43
N ILE A 387 4.23 -8.85 -36.20
CA ILE A 387 4.11 -7.43 -35.85
C ILE A 387 5.42 -6.65 -36.08
N LEU A 388 6.55 -7.28 -35.73
CA LEU A 388 7.88 -6.71 -35.99
C LEU A 388 8.21 -6.60 -37.48
N GLU A 389 7.71 -7.54 -38.29
CA GLU A 389 7.84 -7.42 -39.75
C GLU A 389 7.18 -6.15 -40.28
N LEU A 390 5.96 -5.87 -39.81
CA LEU A 390 5.20 -4.71 -40.28
C LEU A 390 5.73 -3.40 -39.68
N LEU A 407 11.88 22.84 -31.44
CA LEU A 407 10.66 23.16 -30.71
C LEU A 407 10.01 21.93 -30.09
N ARG A 408 10.58 20.77 -30.40
CA ARG A 408 10.20 19.50 -29.81
C ARG A 408 10.50 19.43 -28.31
N GLU A 409 11.73 19.81 -27.98
CA GLU A 409 12.17 19.86 -26.60
C GLU A 409 11.33 20.87 -25.81
N ILE A 410 11.21 22.08 -26.37
CA ILE A 410 10.46 23.19 -25.74
C ILE A 410 9.08 22.75 -25.23
N LEU A 411 8.52 21.72 -25.84
CA LEU A 411 7.24 21.17 -25.42
C LEU A 411 7.41 19.95 -24.50
N GLU A 412 8.53 19.24 -24.66
CA GLU A 412 8.77 17.99 -23.91
C GLU A 412 9.43 18.17 -22.53
N ARG A 413 8.74 18.87 -21.63
CA ARG A 413 9.07 18.90 -20.20
C ARG A 413 8.04 19.67 -19.37
N GLU A 418 -0.30 17.84 -21.58
CA GLU A 418 -1.34 18.07 -22.57
C GLU A 418 -0.85 18.96 -23.70
N LEU A 419 -1.11 18.55 -24.94
CA LEU A 419 -0.50 19.20 -26.10
C LEU A 419 -1.44 19.34 -27.28
N TYR A 420 -1.29 20.44 -28.02
CA TYR A 420 -2.14 20.76 -29.17
C TYR A 420 -1.99 19.76 -30.31
N GLU A 421 -3.01 19.71 -31.16
CA GLU A 421 -3.06 18.67 -32.20
C GLU A 421 -1.89 18.73 -33.18
N HIS A 422 -1.35 19.91 -33.42
CA HIS A 422 -0.15 20.02 -34.27
C HIS A 422 1.11 19.59 -33.51
N GLU A 423 1.13 19.81 -32.21
CA GLU A 423 2.25 19.38 -31.38
C GLU A 423 2.32 17.86 -31.36
N LYS A 424 1.15 17.21 -31.27
CA LYS A 424 1.06 15.76 -31.34
C LYS A 424 1.75 15.24 -32.60
N ASP A 425 1.31 15.74 -33.75
CA ASP A 425 1.78 15.28 -35.06
C ASP A 425 3.30 15.36 -35.20
N LEU A 426 3.89 16.37 -34.57
CA LEU A 426 5.34 16.57 -34.56
C LEU A 426 6.04 15.43 -33.82
N VAL A 427 5.58 15.14 -32.60
CA VAL A 427 6.12 14.05 -31.80
C VAL A 427 6.11 12.71 -32.55
N TRP A 428 4.95 12.36 -33.11
CA TRP A 428 4.80 11.10 -33.84
C TRP A 428 5.80 10.97 -34.99
N LYS A 429 6.03 12.07 -35.73
CA LYS A 429 7.02 12.07 -36.83
C LYS A 429 8.45 11.90 -36.31
N MET A 430 8.66 12.35 -35.09
CA MET A 430 9.97 12.29 -34.45
C MET A 430 10.20 11.03 -33.62
N ARG A 431 9.25 10.09 -33.70
CA ARG A 431 9.29 8.90 -32.84
C ARG A 431 10.67 8.22 -32.75
N HIS A 432 11.40 8.19 -33.86
CA HIS A 432 12.75 7.60 -33.89
C HIS A 432 13.75 8.41 -33.07
N GLU A 433 13.71 9.72 -33.25
CA GLU A 433 14.59 10.62 -32.49
C GLU A 433 14.15 10.75 -31.03
N VAL A 434 12.88 10.44 -30.76
CA VAL A 434 12.37 10.32 -29.39
C VAL A 434 13.02 9.12 -28.74
N GLN A 435 13.03 7.99 -29.45
CA GLN A 435 13.67 6.76 -28.99
C GLN A 435 15.16 6.95 -28.71
N GLU A 436 15.88 7.52 -29.68
CA GLU A 436 17.33 7.61 -29.62
C GLU A 436 17.83 8.71 -28.69
N HIS A 437 17.09 9.81 -28.60
CA HIS A 437 17.62 10.99 -27.90
C HIS A 437 16.73 11.51 -26.79
N PHE A 438 15.61 10.86 -26.55
CA PHE A 438 14.70 11.23 -25.45
C PHE A 438 13.96 10.01 -24.88
N PRO A 439 14.67 8.90 -24.64
CA PRO A 439 13.96 7.67 -24.24
C PRO A 439 12.98 7.87 -23.07
N GLU A 440 13.25 8.84 -22.20
CA GLU A 440 12.38 9.08 -21.03
C GLU A 440 11.03 9.72 -21.39
N ALA A 441 10.87 10.11 -22.65
CA ALA A 441 9.61 10.67 -23.13
C ALA A 441 8.63 9.63 -23.71
N LEU A 442 9.01 8.35 -23.63
CA LEU A 442 8.14 7.23 -24.05
C LEU A 442 6.66 7.41 -23.75
N ALA A 443 6.34 7.70 -22.50
CA ALA A 443 4.94 7.87 -22.09
C ALA A 443 4.20 8.88 -22.97
N ARG A 444 4.87 9.98 -23.30
CA ARG A 444 4.30 11.05 -24.13
C ARG A 444 4.06 10.61 -25.57
N LEU A 445 4.93 9.73 -26.06
CA LEU A 445 4.82 9.21 -27.40
C LEU A 445 3.68 8.20 -27.45
N LEU A 446 3.55 7.43 -26.37
CA LEU A 446 2.51 6.42 -26.28
C LEU A 446 1.11 7.04 -26.28
N LEU A 447 0.99 8.21 -25.68
CA LEU A 447 -0.26 8.96 -25.64
C LEU A 447 -0.60 9.67 -26.95
N VAL A 448 0.36 9.76 -27.88
CA VAL A 448 0.04 10.33 -29.19
C VAL A 448 -0.15 9.26 -30.26
N THR A 449 0.41 8.07 -30.05
CA THR A 449 0.20 6.98 -31.00
C THR A 449 -1.28 6.66 -31.14
N LYS A 450 -1.67 6.30 -32.35
CA LYS A 450 -3.06 6.13 -32.70
C LYS A 450 -3.46 4.66 -32.55
N TRP A 451 -4.14 4.36 -31.46
CA TRP A 451 -4.43 2.98 -31.10
C TRP A 451 -5.61 2.40 -31.86
N ASN A 452 -6.28 3.23 -32.68
CA ASN A 452 -7.43 2.80 -33.51
C ASN A 452 -7.07 2.53 -34.96
N LYS A 453 -5.80 2.73 -35.29
CA LYS A 453 -5.25 2.32 -36.57
C LYS A 453 -4.17 1.27 -36.28
N HIS A 454 -4.34 0.08 -36.86
CA HIS A 454 -3.46 -1.06 -36.58
C HIS A 454 -2.02 -0.89 -37.11
N GLU A 455 -1.89 -0.20 -38.24
CA GLU A 455 -0.59 0.05 -38.86
C GLU A 455 0.33 0.91 -37.97
N ASP A 456 -0.26 1.89 -37.29
CA ASP A 456 0.47 2.78 -36.36
C ASP A 456 0.93 2.05 -35.09
N VAL A 457 0.12 1.10 -34.61
CA VAL A 457 0.43 0.33 -33.41
C VAL A 457 1.65 -0.57 -33.68
N ALA A 458 1.64 -1.25 -34.83
CA ALA A 458 2.83 -1.94 -35.33
C ALA A 458 4.07 -1.02 -35.36
N GLN A 459 3.85 0.24 -35.72
CA GLN A 459 4.93 1.23 -35.72
C GLN A 459 5.47 1.41 -34.31
N MET A 460 4.59 1.82 -33.39
CA MET A 460 4.96 2.12 -32.00
C MET A 460 5.62 0.93 -31.31
N LEU A 461 5.03 -0.24 -31.50
CA LEU A 461 5.53 -1.47 -30.91
C LEU A 461 6.96 -1.76 -31.37
N TYR A 462 7.21 -1.71 -32.68
CA TYR A 462 8.55 -1.90 -33.23
C TYR A 462 9.60 -1.00 -32.56
N LEU A 463 9.24 0.24 -32.26
CA LEU A 463 10.11 1.12 -31.49
C LEU A 463 10.23 0.68 -30.05
N LEU A 464 9.15 0.15 -29.49
CA LEU A 464 9.17 -0.28 -28.08
C LEU A 464 10.13 -1.44 -27.86
N CYS A 465 10.22 -2.33 -28.84
CA CYS A 465 11.03 -3.55 -28.70
C CYS A 465 12.54 -3.29 -28.61
N SER A 466 12.98 -2.13 -29.09
CA SER A 466 14.38 -1.77 -28.98
C SER A 466 14.59 -0.61 -27.99
N TRP A 467 13.52 -0.22 -27.30
CA TRP A 467 13.56 0.92 -26.39
C TRP A 467 14.44 0.62 -25.18
N PRO A 468 15.32 1.58 -24.79
CA PRO A 468 16.16 1.36 -23.64
C PRO A 468 15.33 1.20 -22.38
N GLU A 469 15.83 0.43 -21.42
CA GLU A 469 15.21 0.32 -20.12
C GLU A 469 15.11 1.70 -19.46
N LEU A 470 13.99 1.94 -18.76
CA LEU A 470 13.69 3.25 -18.17
C LEU A 470 13.87 3.27 -16.65
N PRO A 471 14.14 4.46 -16.09
CA PRO A 471 14.14 4.61 -14.63
C PRO A 471 12.81 4.24 -13.97
N VAL A 472 12.94 3.66 -12.79
CA VAL A 472 11.83 3.27 -11.95
C VAL A 472 10.70 4.30 -11.98
N LEU A 473 11.05 5.56 -11.76
CA LEU A 473 10.10 6.67 -11.81
C LEU A 473 9.23 6.63 -13.06
N SER A 474 9.89 6.62 -14.21
CA SER A 474 9.26 6.53 -15.51
C SER A 474 8.41 5.27 -15.65
N ALA A 475 8.90 4.15 -15.12
CA ALA A 475 8.20 2.84 -15.15
C ALA A 475 6.90 2.81 -14.34
N LEU A 476 6.88 3.54 -13.23
CA LEU A 476 5.69 3.64 -12.38
C LEU A 476 4.55 4.37 -13.08
N GLU A 477 4.91 5.33 -13.95
CA GLU A 477 3.94 6.04 -14.79
C GLU A 477 3.33 5.12 -15.85
N LEU A 478 4.18 4.35 -16.53
CA LEU A 478 3.73 3.42 -17.55
C LEU A 478 2.70 2.40 -17.07
N LEU A 479 2.64 2.19 -15.76
CA LEU A 479 1.68 1.22 -15.18
C LEU A 479 0.26 1.73 -15.11
N ASP A 480 0.07 2.99 -15.48
CA ASP A 480 -1.23 3.62 -15.37
C ASP A 480 -2.21 3.03 -16.37
N PHE A 481 -3.51 3.19 -16.10
CA PHE A 481 -4.55 2.74 -17.01
C PHE A 481 -4.51 3.39 -18.41
N SER A 482 -3.88 4.57 -18.52
CA SER A 482 -3.69 5.21 -19.83
C SER A 482 -2.65 4.48 -20.67
N PHE A 483 -2.30 3.26 -20.27
CA PHE A 483 -1.38 2.42 -21.02
C PHE A 483 -1.81 0.97 -20.88
N PRO A 484 -2.94 0.61 -21.51
CA PRO A 484 -3.50 -0.73 -21.35
C PRO A 484 -2.73 -1.82 -22.11
N ASP A 485 -2.02 -1.44 -23.17
CA ASP A 485 -1.38 -2.42 -24.03
C ASP A 485 -0.44 -3.35 -23.27
N CYS A 486 -0.50 -4.63 -23.59
CA CYS A 486 0.21 -5.65 -22.83
C CYS A 486 1.72 -5.57 -23.08
N TYR A 487 2.09 -5.06 -24.24
CA TYR A 487 3.49 -4.83 -24.57
C TYR A 487 4.10 -3.71 -23.75
N VAL A 488 3.35 -2.62 -23.61
CA VAL A 488 3.74 -1.53 -22.74
C VAL A 488 3.92 -2.03 -21.32
N GLY A 489 2.95 -2.82 -20.85
CA GLY A 489 2.95 -3.31 -19.46
C GLY A 489 4.14 -4.19 -19.18
N SER A 490 4.47 -5.04 -20.15
CA SER A 490 5.62 -5.89 -20.06
C SER A 490 6.95 -5.11 -20.03
N PHE A 491 7.04 -4.05 -20.83
CA PHE A 491 8.19 -3.17 -20.79
C PHE A 491 8.29 -2.53 -19.38
N ALA A 492 7.16 -2.05 -18.87
CA ALA A 492 7.09 -1.41 -17.55
C ALA A 492 7.57 -2.31 -16.43
N ILE A 493 7.02 -3.54 -16.36
CA ILE A 493 7.47 -4.58 -15.42
C ILE A 493 8.97 -4.86 -15.60
N LYS A 494 9.39 -4.92 -16.85
CA LYS A 494 10.79 -5.15 -17.16
C LYS A 494 11.69 -4.02 -16.66
N SER A 495 11.20 -2.77 -16.74
CA SER A 495 11.97 -1.65 -16.19
C SER A 495 11.94 -1.63 -14.65
N LEU A 496 10.96 -2.31 -14.07
CA LEU A 496 10.71 -2.28 -12.64
C LEU A 496 11.45 -3.31 -11.81
N ARG A 497 12.03 -4.32 -12.47
CA ARG A 497 12.73 -5.36 -11.75
C ARG A 497 13.94 -4.86 -11.00
N LYS A 498 14.51 -3.74 -11.44
CA LYS A 498 15.65 -3.15 -10.75
C LYS A 498 15.22 -2.45 -9.45
N LEU A 499 13.94 -2.54 -9.09
CA LEU A 499 13.49 -2.09 -7.79
C LEU A 499 14.20 -2.88 -6.70
N THR A 500 14.70 -2.17 -5.68
CA THR A 500 15.22 -2.80 -4.49
C THR A 500 14.03 -3.39 -3.71
N ASP A 501 14.29 -4.23 -2.73
CA ASP A 501 13.19 -4.70 -1.91
C ASP A 501 12.60 -3.60 -1.04
N ASP A 502 13.44 -2.66 -0.59
CA ASP A 502 12.96 -1.54 0.21
C ASP A 502 12.05 -0.64 -0.62
N GLU A 503 12.39 -0.47 -1.89
CA GLU A 503 11.56 0.31 -2.78
C GLU A 503 10.24 -0.38 -3.08
N LEU A 504 10.33 -1.64 -3.51
CA LEU A 504 9.18 -2.45 -3.78
C LEU A 504 8.20 -2.38 -2.60
N PHE A 505 8.72 -2.49 -1.39
CA PHE A 505 7.87 -2.43 -0.21
C PHE A 505 7.18 -1.07 -0.08
N GLN A 506 7.93 -0.01 -0.34
CA GLN A 506 7.42 1.34 -0.32
C GLN A 506 6.22 1.58 -1.28
N TYR A 507 6.16 0.85 -2.40
CA TYR A 507 5.16 1.07 -3.45
C TYR A 507 4.24 -0.13 -3.62
N LEU A 508 4.36 -1.12 -2.74
CA LEU A 508 3.57 -2.36 -2.81
C LEU A 508 2.04 -2.11 -2.77
N LEU A 509 1.59 -1.18 -1.91
CA LEU A 509 0.17 -0.81 -1.90
C LEU A 509 -0.30 -0.40 -3.30
N GLN A 510 0.47 0.39 -4.04
CA GLN A 510 0.01 0.83 -5.38
C GLN A 510 0.05 -0.26 -6.47
N LEU A 511 1.11 -1.07 -6.46
CA LEU A 511 1.20 -2.19 -7.39
C LEU A 511 0.08 -3.21 -7.19
N VAL A 512 -0.37 -3.39 -5.96
CA VAL A 512 -1.48 -4.30 -5.72
C VAL A 512 -2.77 -3.70 -6.27
N GLN A 513 -2.94 -2.39 -6.09
CA GLN A 513 -4.17 -1.73 -6.54
C GLN A 513 -4.34 -1.85 -8.04
N VAL A 514 -3.22 -1.74 -8.74
CA VAL A 514 -3.12 -1.79 -10.21
C VAL A 514 -3.45 -3.19 -10.78
N LEU A 515 -3.63 -4.17 -9.90
CA LEU A 515 -4.14 -5.47 -10.32
C LEU A 515 -5.60 -5.35 -10.75
N LYS A 516 -6.31 -4.38 -10.18
CA LYS A 516 -7.70 -4.08 -10.54
C LYS A 516 -7.89 -3.53 -11.96
N TYR A 517 -6.82 -3.15 -12.63
CA TYR A 517 -6.88 -2.64 -13.99
C TYR A 517 -6.74 -3.75 -15.05
N GLU A 518 -6.16 -4.89 -14.64
CA GLU A 518 -5.76 -5.98 -15.53
C GLU A 518 -6.94 -6.58 -16.27
N SER A 519 -6.71 -6.99 -17.51
CA SER A 519 -7.76 -7.57 -18.32
C SER A 519 -7.92 -9.06 -18.07
N TYR A 520 -6.81 -9.73 -17.74
CA TYR A 520 -6.76 -11.19 -17.67
C TYR A 520 -6.09 -11.67 -16.39
N LEU A 521 -6.35 -12.93 -16.03
CA LEU A 521 -5.84 -13.49 -14.77
C LEU A 521 -4.34 -13.69 -14.81
N ASP A 522 -3.83 -14.42 -15.81
CA ASP A 522 -2.40 -14.58 -15.92
C ASP A 522 -1.80 -13.32 -16.53
N CYS A 523 -0.92 -12.66 -15.80
CA CYS A 523 -0.30 -11.45 -16.30
C CYS A 523 1.07 -11.26 -15.68
N GLU A 524 1.83 -10.32 -16.23
CA GLU A 524 3.19 -10.06 -15.83
C GLU A 524 3.32 -9.47 -14.44
N LEU A 525 2.38 -8.59 -14.07
CA LEU A 525 2.38 -7.99 -12.73
C LEU A 525 2.21 -9.07 -11.62
N THR A 526 1.29 -10.00 -11.86
CA THR A 526 1.03 -11.07 -10.90
C THR A 526 2.27 -11.91 -10.71
N LYS A 527 2.90 -12.34 -11.81
CA LYS A 527 4.08 -13.20 -11.69
C LYS A 527 5.21 -12.48 -10.98
N PHE A 528 5.35 -11.21 -11.31
CA PHE A 528 6.31 -10.33 -10.68
C PHE A 528 6.05 -10.24 -9.17
N LEU A 529 4.84 -9.90 -8.74
CA LEU A 529 4.57 -9.77 -7.29
C LEU A 529 4.81 -11.09 -6.53
N LEU A 530 4.27 -12.18 -7.07
CA LEU A 530 4.46 -13.55 -6.54
C LEU A 530 5.94 -13.94 -6.43
N GLY A 531 6.69 -13.78 -7.52
CA GLY A 531 8.14 -13.96 -7.50
C GLY A 531 8.89 -13.17 -6.42
N ARG A 532 8.65 -11.86 -6.33
CA ARG A 532 9.36 -11.05 -5.33
C ARG A 532 8.93 -11.39 -3.89
N ALA A 533 7.64 -11.73 -3.73
CA ALA A 533 7.10 -12.15 -2.44
C ALA A 533 7.67 -13.50 -1.99
N LEU A 534 7.91 -14.39 -2.95
CA LEU A 534 8.47 -15.69 -2.62
C LEU A 534 9.97 -15.60 -2.36
N ALA A 535 10.60 -14.52 -2.82
CA ALA A 535 12.02 -14.27 -2.55
C ALA A 535 12.24 -13.44 -1.25
N ASN A 536 11.18 -12.80 -0.74
CA ASN A 536 11.28 -11.95 0.47
C ASN A 536 10.03 -12.13 1.35
N ARG A 537 10.22 -12.70 2.54
CA ARG A 537 9.10 -13.03 3.42
C ARG A 537 8.31 -11.81 3.92
N LYS A 538 8.99 -10.66 4.05
CA LYS A 538 8.29 -9.44 4.38
C LYS A 538 7.33 -8.97 3.27
N ILE A 539 7.78 -9.05 2.02
CA ILE A 539 6.92 -8.71 0.88
C ILE A 539 5.74 -9.67 0.82
N GLY A 540 6.04 -10.96 0.97
CA GLY A 540 5.01 -11.99 1.05
C GLY A 540 3.94 -11.68 2.08
N HIS A 541 4.38 -11.33 3.28
CA HIS A 541 3.50 -10.97 4.36
C HIS A 541 2.49 -9.88 3.97
N PHE A 542 2.98 -8.73 3.53
CA PHE A 542 2.12 -7.60 3.18
C PHE A 542 1.31 -7.81 1.89
N LEU A 543 1.88 -8.52 0.90
CA LEU A 543 1.10 -8.86 -0.28
C LEU A 543 -0.10 -9.68 0.15
N PHE A 544 0.13 -10.66 1.01
CA PHE A 544 -0.95 -11.50 1.45
C PHE A 544 -2.03 -10.60 2.06
N TRP A 545 -1.62 -9.74 3.00
CA TRP A 545 -2.59 -8.94 3.73
C TRP A 545 -3.32 -7.90 2.87
N HIS A 546 -2.61 -7.27 1.94
CA HIS A 546 -3.29 -6.35 1.04
C HIS A 546 -4.40 -7.08 0.29
N LEU A 547 -4.13 -8.31 -0.18
CA LEU A 547 -5.13 -9.13 -0.87
C LEU A 547 -6.22 -9.70 0.05
N ARG A 548 -5.83 -10.27 1.18
CA ARG A 548 -6.82 -10.81 2.11
C ARG A 548 -7.87 -9.78 2.53
N SER A 549 -7.42 -8.54 2.75
CA SER A 549 -8.29 -7.45 3.22
C SER A 549 -9.38 -7.08 2.22
N GLU A 550 -9.29 -7.58 0.98
CA GLU A 550 -10.31 -7.23 -0.02
C GLU A 550 -11.18 -8.39 -0.49
N MET A 551 -11.23 -9.48 0.27
CA MET A 551 -11.90 -10.70 -0.22
C MET A 551 -13.41 -10.62 -0.17
N HIS A 552 -13.91 -9.55 0.43
CA HIS A 552 -15.32 -9.30 0.59
C HIS A 552 -15.78 -8.33 -0.50
N VAL A 553 -14.86 -7.92 -1.37
CA VAL A 553 -15.21 -7.10 -2.54
C VAL A 553 -15.45 -7.98 -3.78
N PRO A 554 -16.71 -8.20 -4.19
CA PRO A 554 -16.97 -9.20 -5.25
C PRO A 554 -16.19 -9.01 -6.56
N SER A 555 -15.80 -7.77 -6.87
CA SER A 555 -15.14 -7.50 -8.16
C SER A 555 -13.70 -8.03 -8.22
N VAL A 556 -13.06 -8.16 -7.06
CA VAL A 556 -11.69 -8.68 -6.95
C VAL A 556 -11.56 -10.03 -6.22
N ALA A 557 -12.63 -10.52 -5.60
CA ALA A 557 -12.58 -11.78 -4.85
C ALA A 557 -11.94 -12.96 -5.60
N LEU A 558 -12.30 -13.19 -6.86
CA LEU A 558 -11.70 -14.32 -7.57
C LEU A 558 -10.22 -14.09 -7.86
N ARG A 559 -9.90 -12.97 -8.50
CA ARG A 559 -8.51 -12.64 -8.78
C ARG A 559 -7.61 -12.76 -7.54
N PHE A 560 -7.95 -12.02 -6.48
CA PHE A 560 -7.16 -12.01 -5.25
C PHE A 560 -7.11 -13.38 -4.56
N GLY A 561 -8.24 -14.09 -4.57
CA GLY A 561 -8.29 -15.44 -4.02
C GLY A 561 -7.25 -16.32 -4.68
N LEU A 562 -7.19 -16.26 -6.00
CA LEU A 562 -6.30 -17.12 -6.77
C LEU A 562 -4.82 -16.85 -6.50
N ILE A 563 -4.47 -15.57 -6.35
CA ILE A 563 -3.07 -15.19 -6.08
C ILE A 563 -2.59 -15.72 -4.73
N MET A 564 -3.44 -15.61 -3.70
CA MET A 564 -3.10 -16.12 -2.37
C MET A 564 -2.96 -17.65 -2.39
N GLU A 565 -3.85 -18.34 -3.10
CA GLU A 565 -3.68 -19.78 -3.32
C GLU A 565 -2.27 -20.08 -3.86
N ALA A 566 -1.91 -19.44 -4.97
CA ALA A 566 -0.58 -19.66 -5.56
C ALA A 566 0.53 -19.35 -4.53
N TYR A 567 0.39 -18.24 -3.82
CA TYR A 567 1.37 -17.90 -2.79
C TYR A 567 1.59 -19.02 -1.78
N CYS A 568 0.48 -19.55 -1.25
CA CYS A 568 0.54 -20.65 -0.29
C CYS A 568 1.26 -21.87 -0.84
N ARG A 569 0.97 -22.25 -2.08
CA ARG A 569 1.62 -23.41 -2.68
C ARG A 569 3.14 -23.23 -2.69
N GLY A 570 3.58 -21.99 -2.86
CA GLY A 570 4.99 -21.67 -2.78
C GLY A 570 5.55 -21.53 -1.36
N SER A 571 4.69 -21.38 -0.35
CA SER A 571 5.17 -21.35 1.03
C SER A 571 4.21 -21.88 2.09
N THR A 572 4.23 -23.20 2.25
CA THR A 572 3.42 -23.96 3.19
C THR A 572 3.59 -23.46 4.62
N HIS A 573 4.85 -23.26 5.00
CA HIS A 573 5.16 -22.81 6.34
C HIS A 573 4.59 -21.41 6.63
N HIS A 574 4.78 -20.48 5.70
CA HIS A 574 4.29 -19.12 5.91
C HIS A 574 2.77 -19.07 5.94
N MET A 575 2.16 -19.95 5.15
CA MET A 575 0.72 -20.18 5.21
C MET A 575 0.23 -20.43 6.65
N LYS A 576 0.89 -21.34 7.36
CA LYS A 576 0.52 -21.66 8.73
C LYS A 576 0.76 -20.49 9.69
N VAL A 577 1.87 -19.81 9.52
CA VAL A 577 2.18 -18.60 10.25
C VAL A 577 1.05 -17.56 10.11
N LEU A 578 0.52 -17.40 8.90
CA LEU A 578 -0.60 -16.45 8.61
C LEU A 578 -1.95 -16.93 9.14
N MET A 579 -2.13 -18.26 9.18
CA MET A 579 -3.31 -18.86 9.82
C MET A 579 -3.34 -18.51 11.28
N LYS A 580 -2.18 -18.56 11.92
CA LYS A 580 -2.09 -18.16 13.30
C LYS A 580 -2.64 -16.71 13.44
N GLN A 581 -2.25 -15.82 12.51
CA GLN A 581 -2.72 -14.44 12.49
C GLN A 581 -4.21 -14.31 12.24
N GLY A 582 -4.71 -15.08 11.27
CA GLY A 582 -6.14 -15.04 10.95
C GLY A 582 -7.01 -15.50 12.10
N GLU A 583 -6.57 -16.53 12.82
CA GLU A 583 -7.28 -17.05 14.00
C GLU A 583 -7.32 -16.00 15.12
N ALA A 584 -6.22 -15.24 15.27
CA ALA A 584 -6.17 -14.19 16.29
C ALA A 584 -7.16 -13.08 15.94
N LEU A 585 -7.23 -12.75 14.65
CA LEU A 585 -8.13 -11.71 14.14
C LEU A 585 -9.57 -12.15 14.25
N SER A 586 -9.81 -13.43 14.02
CA SER A 586 -11.15 -13.99 14.19
C SER A 586 -11.63 -13.86 15.66
N LYS A 587 -10.78 -14.18 16.63
CA LYS A 587 -11.14 -14.03 18.04
C LYS A 587 -11.37 -12.58 18.49
N LEU A 588 -10.52 -11.69 18.01
CA LEU A 588 -10.67 -10.27 18.26
C LEU A 588 -12.04 -9.72 17.74
N LYS A 589 -12.46 -10.19 16.56
CA LYS A 589 -13.77 -9.86 16.01
C LYS A 589 -14.90 -10.32 16.95
N ALA A 590 -14.73 -11.50 17.53
CA ALA A 590 -15.72 -12.03 18.43
C ALA A 590 -15.70 -11.23 19.73
N LEU A 591 -14.51 -10.88 20.17
CA LEU A 591 -14.34 -10.16 21.42
C LEU A 591 -14.89 -8.75 21.30
N ASN A 592 -14.67 -8.12 20.15
CA ASN A 592 -15.20 -6.79 19.90
C ASN A 592 -16.73 -6.76 19.79
N ASP A 593 -17.34 -7.83 19.27
CA ASP A 593 -18.80 -7.93 19.20
C ASP A 593 -19.42 -8.02 20.61
N PHE A 594 -18.81 -8.82 21.46
CA PHE A 594 -19.24 -8.94 22.85
C PHE A 594 -19.18 -7.57 23.58
N VAL A 595 -18.07 -6.84 23.37
CA VAL A 595 -17.87 -5.55 24.01
C VAL A 595 -18.94 -4.54 23.54
N LYS A 596 -19.23 -4.57 22.24
CA LYS A 596 -20.27 -3.70 21.69
C LYS A 596 -21.65 -3.99 22.30
N VAL A 597 -21.94 -5.27 22.52
CA VAL A 597 -23.19 -5.68 23.12
C VAL A 597 -23.21 -5.31 24.62
N SER A 598 -22.26 -5.85 25.37
CA SER A 598 -22.12 -5.61 26.81
C SER A 598 -22.11 -4.13 27.23
N SER A 599 -21.36 -3.30 26.51
CA SER A 599 -21.15 -1.90 26.90
C SER A 599 -22.39 -1.05 26.76
N GLN A 600 -23.40 -1.57 26.09
CA GLN A 600 -24.66 -0.84 25.90
C GLN A 600 -25.62 -1.08 27.04
N LYS A 601 -25.28 -2.04 27.89
CA LYS A 601 -26.20 -2.50 28.93
C LYS A 601 -25.56 -2.53 30.30
N THR A 602 -24.36 -1.95 30.39
CA THR A 602 -23.59 -1.93 31.64
C THR A 602 -22.49 -0.88 31.54
N THR A 603 -21.86 -0.57 32.67
CA THR A 603 -20.88 0.54 32.70
C THR A 603 -19.49 0.06 32.30
N LYS A 604 -18.65 1.00 31.86
CA LYS A 604 -17.33 0.69 31.35
C LYS A 604 -16.50 -0.21 32.27
N PRO A 605 -16.37 0.14 33.56
CA PRO A 605 -15.66 -0.82 34.42
C PRO A 605 -16.21 -2.27 34.31
N GLN A 606 -17.54 -2.41 34.32
CA GLN A 606 -18.17 -3.73 34.26
C GLN A 606 -17.85 -4.53 32.99
N THR A 607 -17.91 -3.88 31.83
CA THR A 607 -17.63 -4.51 30.55
C THR A 607 -16.14 -4.89 30.48
N LYS A 608 -15.29 -4.03 31.03
CA LYS A 608 -13.85 -4.22 31.03
C LYS A 608 -13.52 -5.55 31.70
N GLU A 609 -14.04 -5.74 32.91
CA GLU A 609 -13.85 -6.98 33.64
C GLU A 609 -14.44 -8.20 32.89
N MET A 610 -15.52 -7.99 32.14
CA MET A 610 -16.09 -9.06 31.33
C MET A 610 -15.18 -9.44 30.15
N MET A 611 -14.66 -8.43 29.47
CA MET A 611 -13.72 -8.63 28.40
C MET A 611 -12.55 -9.50 28.87
N HIS A 612 -12.02 -9.16 30.04
CA HIS A 612 -10.95 -9.92 30.67
C HIS A 612 -11.31 -11.38 30.94
N MET A 613 -12.51 -11.62 31.45
CA MET A 613 -12.97 -13.00 31.67
C MET A 613 -13.07 -13.75 30.36
N CYS A 614 -13.56 -13.06 29.34
CA CYS A 614 -13.74 -13.64 28.03
C CYS A 614 -12.39 -14.01 27.40
N MET A 615 -11.41 -13.12 27.61
CA MET A 615 -10.04 -13.31 27.12
C MET A 615 -9.30 -14.40 27.87
N ARG A 616 -9.64 -14.56 29.15
CA ARG A 616 -8.98 -15.55 29.98
C ARG A 616 -9.42 -16.98 29.71
N GLN A 617 -10.41 -17.16 28.83
CA GLN A 617 -10.80 -18.49 28.33
C GLN A 617 -9.65 -19.13 27.53
N GLU A 618 -9.44 -20.43 27.74
CA GLU A 618 -8.36 -21.18 27.06
C GLU A 618 -8.26 -20.90 25.55
N THR A 619 -9.40 -21.00 24.87
CA THR A 619 -9.48 -20.76 23.43
C THR A 619 -8.96 -19.38 23.04
N TYR A 620 -9.26 -18.37 23.84
CA TYR A 620 -8.76 -17.03 23.57
C TYR A 620 -7.28 -16.80 23.89
N MET A 621 -6.84 -17.18 25.09
CA MET A 621 -5.45 -16.96 25.51
C MET A 621 -4.52 -17.58 24.48
N GLU A 622 -4.97 -18.70 23.96
CA GLU A 622 -4.17 -19.42 23.03
C GLU A 622 -4.24 -18.80 21.63
N ALA A 623 -5.45 -18.46 21.17
CA ALA A 623 -5.57 -17.85 19.84
C ALA A 623 -4.89 -16.48 19.79
N LEU A 624 -4.94 -15.74 20.88
CA LEU A 624 -4.40 -14.38 20.90
C LEU A 624 -2.90 -14.29 21.20
N SER A 625 -2.24 -15.41 21.44
CA SER A 625 -0.87 -15.42 21.92
C SER A 625 0.07 -16.08 20.94
N HIS A 626 1.31 -15.61 20.90
CA HIS A 626 2.41 -16.26 20.18
C HIS A 626 2.21 -16.19 18.68
N LEU A 627 2.14 -14.96 18.17
CA LEU A 627 2.03 -14.77 16.73
C LEU A 627 2.96 -13.67 16.26
N GLN A 628 3.19 -13.63 14.95
CA GLN A 628 3.80 -12.46 14.35
C GLN A 628 2.76 -11.37 14.19
N SER A 629 3.18 -10.12 14.36
CA SER A 629 2.24 -9.03 14.21
C SER A 629 1.89 -8.81 12.74
N PRO A 630 0.57 -8.81 12.42
CA PRO A 630 0.20 -8.46 11.04
C PRO A 630 0.70 -7.06 10.62
N LEU A 631 0.79 -6.14 11.55
CA LEU A 631 1.39 -4.81 11.34
C LEU A 631 2.88 -4.83 10.99
N ASP A 632 3.63 -5.77 11.56
CA ASP A 632 5.04 -5.90 11.25
C ASP A 632 5.49 -7.32 11.59
N PRO A 633 5.86 -8.11 10.59
CA PRO A 633 6.23 -9.51 10.88
C PRO A 633 7.45 -9.71 11.78
N SER A 634 8.27 -8.68 11.95
CA SER A 634 9.44 -8.85 12.81
C SER A 634 9.11 -8.57 14.29
N THR A 635 7.92 -8.04 14.54
CA THR A 635 7.43 -7.85 15.88
C THR A 635 6.66 -9.12 16.27
N LEU A 636 7.13 -9.76 17.34
CA LEU A 636 6.52 -10.95 17.93
C LEU A 636 5.50 -10.62 19.05
N LEU A 637 4.28 -11.13 18.94
CA LEU A 637 3.28 -10.87 19.98
C LEU A 637 3.16 -12.10 20.84
N GLU A 638 3.76 -12.07 22.01
CA GLU A 638 3.84 -13.27 22.80
C GLU A 638 2.70 -13.46 23.78
N GLU A 639 2.86 -12.95 24.99
CA GLU A 639 1.88 -13.15 26.05
C GLU A 639 0.97 -11.94 26.11
N VAL A 640 -0.31 -12.12 25.74
CA VAL A 640 -1.34 -11.10 25.99
C VAL A 640 -1.38 -10.85 27.48
N CYS A 641 -1.24 -9.58 27.88
CA CYS A 641 -1.47 -9.16 29.24
C CYS A 641 -2.90 -8.70 29.34
N VAL A 642 -3.77 -9.64 29.70
CA VAL A 642 -5.20 -9.40 29.81
C VAL A 642 -5.49 -8.15 30.63
N GLU A 643 -4.67 -7.96 31.67
CA GLU A 643 -4.92 -6.94 32.65
C GLU A 643 -4.73 -5.54 32.09
N GLN A 644 -3.89 -5.42 31.06
CA GLN A 644 -3.65 -4.14 30.43
C GLN A 644 -4.53 -3.90 29.20
N CYS A 645 -5.40 -4.85 28.84
CA CYS A 645 -6.25 -4.67 27.66
C CYS A 645 -7.52 -3.92 28.04
N THR A 646 -8.05 -3.12 27.12
CA THR A 646 -9.33 -2.45 27.31
C THR A 646 -9.97 -2.20 26.00
N PHE A 647 -10.96 -1.30 26.03
CA PHE A 647 -11.60 -0.74 24.86
C PHE A 647 -11.87 0.73 25.14
N MET A 648 -12.08 1.49 24.10
CA MET A 648 -12.47 2.85 24.22
C MET A 648 -13.97 2.92 24.12
N ASP A 649 -14.60 3.59 25.06
CA ASP A 649 -16.04 3.54 25.12
C ASP A 649 -16.74 4.46 24.14
N SER A 650 -16.35 4.38 22.88
CA SER A 650 -16.98 5.20 21.87
C SER A 650 -17.37 4.49 20.59
N LYS A 651 -17.88 5.24 19.63
CA LYS A 651 -18.53 4.68 18.45
C LYS A 651 -18.36 3.17 18.23
N MET A 652 -17.29 2.80 17.56
CA MET A 652 -17.11 1.45 17.08
C MET A 652 -16.46 0.55 18.12
N LYS A 653 -16.12 1.14 19.25
CA LYS A 653 -15.68 0.40 20.41
C LYS A 653 -14.36 -0.31 20.21
N PRO A 654 -13.33 0.37 19.68
CA PRO A 654 -12.10 -0.32 19.35
C PRO A 654 -11.40 -0.87 20.57
N LEU A 655 -10.68 -1.96 20.38
CA LEU A 655 -10.02 -2.70 21.46
C LEU A 655 -8.55 -2.33 21.54
N TRP A 656 -7.97 -2.45 22.71
CA TRP A 656 -6.59 -2.14 23.00
C TRP A 656 -5.95 -3.36 23.60
N ILE A 657 -4.97 -3.92 22.92
CA ILE A 657 -4.42 -5.21 23.28
C ILE A 657 -2.93 -5.09 23.56
N MET A 658 -2.53 -5.35 24.79
CA MET A 658 -1.11 -5.32 25.15
C MET A 658 -0.45 -6.68 25.18
N TYR A 659 0.85 -6.71 24.90
CA TYR A 659 1.63 -7.96 24.89
C TYR A 659 2.90 -7.77 25.67
N SER A 660 3.42 -8.84 26.25
CA SER A 660 4.76 -8.79 26.84
C SER A 660 5.54 -10.03 26.40
N SER A 661 6.86 -9.98 26.54
CA SER A 661 7.78 -11.04 26.16
C SER A 661 9.08 -10.96 26.98
N GLU A 662 9.28 -11.90 27.91
CA GLU A 662 10.52 -11.93 28.71
C GLU A 662 11.77 -11.86 27.83
N GLU A 663 11.84 -12.74 26.82
CA GLU A 663 12.97 -12.83 25.89
C GLU A 663 13.41 -11.52 25.28
N ALA A 664 12.44 -10.69 24.88
CA ALA A 664 12.72 -9.40 24.27
C ALA A 664 12.84 -8.27 25.31
N GLY A 665 12.44 -8.55 26.56
CA GLY A 665 12.36 -7.53 27.61
C GLY A 665 11.50 -6.35 27.20
N SER A 666 11.77 -5.17 27.78
CA SER A 666 11.12 -3.89 27.41
C SER A 666 10.72 -3.71 25.94
N ALA A 667 11.51 -4.30 25.05
CA ALA A 667 11.29 -4.19 23.60
C ALA A 667 10.11 -5.03 23.11
N GLY A 668 9.72 -6.05 23.89
CA GLY A 668 8.58 -6.91 23.57
C GLY A 668 7.30 -6.48 24.28
N ASN A 669 7.36 -5.33 24.96
CA ASN A 669 6.15 -4.69 25.47
C ASN A 669 5.54 -3.84 24.37
N VAL A 670 4.57 -4.39 23.66
CA VAL A 670 4.05 -3.75 22.46
C VAL A 670 2.55 -3.86 22.48
N GLY A 671 1.89 -3.06 21.64
CA GLY A 671 0.44 -3.05 21.68
C GLY A 671 -0.18 -2.95 20.31
N ILE A 672 -1.40 -3.47 20.17
CA ILE A 672 -2.18 -3.26 18.96
C ILE A 672 -3.56 -2.76 19.31
N ILE A 673 -4.15 -2.04 18.36
CA ILE A 673 -5.52 -1.60 18.48
C ILE A 673 -6.27 -2.31 17.39
N PHE A 674 -7.39 -2.89 17.78
CA PHE A 674 -8.28 -3.54 16.86
C PHE A 674 -9.55 -2.70 16.68
N LYS A 675 -9.89 -2.49 15.42
CA LYS A 675 -10.97 -1.64 15.01
C LYS A 675 -11.82 -2.38 14.01
N ASN A 676 -13.12 -2.43 14.29
CA ASN A 676 -14.11 -3.11 13.48
C ASN A 676 -15.31 -2.20 13.29
N GLY A 677 -15.64 -1.92 12.04
CA GLY A 677 -16.71 -0.98 11.74
C GLY A 677 -16.25 0.24 10.94
N ASP A 678 -14.99 0.58 11.03
CA ASP A 678 -14.42 1.70 10.30
C ASP A 678 -13.52 1.22 9.20
N ASP A 679 -13.37 2.03 8.16
CA ASP A 679 -12.53 1.71 7.02
C ASP A 679 -11.19 2.40 7.24
N LEU A 680 -10.11 1.62 7.15
CA LEU A 680 -8.75 2.06 7.49
C LEU A 680 -7.89 2.38 6.28
N ARG A 681 -8.37 2.04 5.08
CA ARG A 681 -7.64 2.25 3.83
C ARG A 681 -7.09 3.65 3.62
N GLN A 682 -7.93 4.67 3.80
CA GLN A 682 -7.46 6.06 3.63
C GLN A 682 -6.33 6.43 4.60
N ASP A 683 -6.45 5.96 5.84
CA ASP A 683 -5.43 6.22 6.83
C ASP A 683 -4.15 5.51 6.48
N MET A 684 -4.26 4.27 6.03
CA MET A 684 -3.06 3.55 5.63
C MET A 684 -2.32 4.30 4.53
N LEU A 685 -3.05 4.70 3.48
CA LEU A 685 -2.48 5.42 2.38
C LEU A 685 -1.79 6.71 2.87
N THR A 686 -2.48 7.46 3.71
CA THR A 686 -1.94 8.70 4.21
C THR A 686 -0.62 8.44 4.93
N LEU A 687 -0.65 7.48 5.84
CA LEU A 687 0.55 7.09 6.62
C LEU A 687 1.70 6.60 5.74
N GLN A 688 1.42 5.85 4.67
CA GLN A 688 2.48 5.47 3.74
C GLN A 688 3.12 6.70 3.07
N MET A 689 2.29 7.65 2.66
CA MET A 689 2.76 8.88 2.05
C MET A 689 3.63 9.70 3.00
N ILE A 690 3.22 9.76 4.27
CA ILE A 690 4.00 10.49 5.26
C ILE A 690 5.32 9.76 5.48
N GLN A 691 5.27 8.45 5.51
CA GLN A 691 6.49 7.68 5.73
C GLN A 691 7.44 7.83 4.53
N LEU A 692 6.87 7.97 3.33
CA LEU A 692 7.63 8.28 2.12
C LEU A 692 8.38 9.63 2.23
N MET A 693 7.67 10.66 2.69
CA MET A 693 8.28 11.96 2.96
C MET A 693 9.51 11.85 3.86
N ASP A 694 9.35 11.11 4.96
CA ASP A 694 10.41 10.89 5.95
C ASP A 694 11.64 10.26 5.31
N VAL A 695 11.45 9.20 4.50
CA VAL A 695 12.55 8.58 3.73
C VAL A 695 13.22 9.58 2.82
N LEU A 696 12.42 10.38 2.11
CA LEU A 696 12.98 11.40 1.19
C LEU A 696 13.70 12.51 1.96
N TRP A 697 13.11 12.93 3.07
CA TRP A 697 13.80 13.88 3.92
C TRP A 697 15.13 13.32 4.44
N LYS A 698 15.10 12.11 4.97
CA LYS A 698 16.32 11.49 5.47
C LYS A 698 17.43 11.30 4.43
N GLN A 699 17.06 11.04 3.18
CA GLN A 699 18.07 10.93 2.11
C GLN A 699 18.76 12.25 1.76
N GLU A 700 18.23 13.37 2.24
CA GLU A 700 18.90 14.68 2.08
C GLU A 700 19.50 15.12 3.41
N GLY A 701 19.65 14.19 4.33
CA GLY A 701 20.18 14.50 5.65
C GLY A 701 19.28 15.28 6.62
N LEU A 702 17.96 15.32 6.38
CA LEU A 702 17.00 15.95 7.30
C LEU A 702 16.16 14.91 8.05
N ASP A 703 16.34 14.85 9.36
CA ASP A 703 15.56 13.94 10.17
C ASP A 703 14.53 14.71 11.04
N LEU A 704 13.26 14.60 10.68
CA LEU A 704 12.23 15.39 11.34
C LEU A 704 11.49 14.62 12.44
N ARG A 705 12.05 13.49 12.85
CA ARG A 705 11.62 12.78 14.06
C ARG A 705 10.16 12.36 13.96
N MET A 706 9.79 11.90 12.76
CA MET A 706 8.47 11.41 12.46
C MET A 706 8.06 10.15 13.24
N THR A 707 6.76 9.85 13.27
CA THR A 707 6.28 8.64 13.91
C THR A 707 5.42 7.82 12.93
N PRO A 708 6.11 7.04 12.08
CA PRO A 708 5.47 6.20 11.07
C PRO A 708 4.93 4.90 11.70
N TYR A 709 3.80 4.99 12.37
CA TYR A 709 3.23 3.85 13.09
C TYR A 709 2.38 2.95 12.17
N GLY A 710 2.36 1.65 12.47
CA GLY A 710 1.62 0.67 11.66
C GLY A 710 0.14 0.95 11.55
N CYS A 711 -0.39 0.71 10.37
CA CYS A 711 -1.80 0.79 10.17
C CYS A 711 -2.13 -0.11 9.02
N LEU A 712 -2.97 -1.12 9.26
CA LEU A 712 -3.22 -2.19 8.31
C LEU A 712 -4.68 -2.72 8.32
N PRO A 713 -5.41 -2.54 7.20
CA PRO A 713 -6.72 -3.21 7.02
C PRO A 713 -6.51 -4.69 6.80
N THR A 714 -7.38 -5.51 7.37
CA THR A 714 -7.20 -6.95 7.34
C THR A 714 -8.43 -7.65 6.80
N GLY A 715 -9.53 -6.91 6.75
CA GLY A 715 -10.80 -7.49 6.34
C GLY A 715 -11.81 -6.39 6.12
N ASP A 716 -13.06 -6.80 6.02
CA ASP A 716 -14.18 -5.93 5.80
C ASP A 716 -14.34 -4.94 6.96
N ARG A 717 -14.00 -3.68 6.70
CA ARG A 717 -13.99 -2.62 7.74
C ARG A 717 -13.28 -3.07 9.00
N THR A 718 -12.17 -3.78 8.81
CA THR A 718 -11.46 -4.38 9.92
C THR A 718 -9.99 -4.26 9.68
N GLY A 719 -9.29 -3.76 10.70
CA GLY A 719 -7.85 -3.85 10.69
C GLY A 719 -7.26 -3.46 12.03
N LEU A 720 -5.97 -3.12 11.96
CA LEU A 720 -5.13 -2.95 13.10
C LEU A 720 -4.34 -1.67 12.98
N ILE A 721 -4.12 -1.07 14.15
CA ILE A 721 -3.27 0.11 14.30
C ILE A 721 -2.26 -0.17 15.40
N GLU A 722 -1.02 0.27 15.22
CA GLU A 722 0.03 0.00 16.18
C GLU A 722 0.02 1.00 17.36
N VAL A 723 0.03 0.47 18.58
CA VAL A 723 0.13 1.30 19.77
C VAL A 723 1.49 1.96 19.83
N VAL A 724 1.46 3.28 19.91
CA VAL A 724 2.64 4.04 20.22
C VAL A 724 2.55 4.33 21.71
N LEU A 725 3.46 3.75 22.48
CA LEU A 725 3.42 3.82 23.93
C LEU A 725 4.02 5.12 24.38
N HIS A 726 3.73 5.49 25.63
CA HIS A 726 4.27 6.70 26.22
C HIS A 726 3.83 7.95 25.46
N SER A 727 2.58 7.92 25.04
CA SER A 727 1.98 9.01 24.27
C SER A 727 0.62 9.36 24.82
N ASP A 728 0.21 10.58 24.52
CA ASP A 728 -1.10 11.04 24.88
C ASP A 728 -1.60 12.03 23.91
N THR A 729 -2.89 12.34 23.96
CA THR A 729 -3.46 13.33 23.05
C THR A 729 -3.23 14.74 23.60
N ILE A 730 -3.05 15.71 22.71
CA ILE A 730 -3.04 17.14 23.09
C ILE A 730 -4.32 17.52 23.87
N ALA A 731 -5.48 17.05 23.43
CA ALA A 731 -6.74 17.34 24.15
C ALA A 731 -6.64 16.95 25.63
N ASN A 732 -6.34 15.68 25.86
CA ASN A 732 -6.17 15.13 27.21
C ASN A 732 -5.20 15.99 28.05
N ILE A 733 -4.00 16.22 27.53
CA ILE A 733 -3.03 17.06 28.21
C ILE A 733 -3.57 18.46 28.47
N GLN A 734 -4.27 19.03 27.50
CA GLN A 734 -4.85 20.37 27.69
C GLN A 734 -6.05 20.44 28.62
N LEU A 735 -6.45 19.33 29.25
CA LEU A 735 -7.50 19.38 30.27
C LEU A 735 -6.98 20.06 31.55
N ASN A 736 -5.65 20.22 31.63
CA ASN A 736 -4.98 20.95 32.73
C ASN A 736 -5.54 20.54 34.10
N LYS A 737 -5.47 19.23 34.36
CA LYS A 737 -5.99 18.68 35.61
C LYS A 737 -5.10 19.08 36.79
N SER A 738 -5.73 19.32 37.94
CA SER A 738 -4.99 19.61 39.17
C SER A 738 -4.40 18.31 39.71
N ASN A 739 -3.46 18.40 40.66
CA ASN A 739 -2.83 17.22 41.26
C ASN A 739 -1.89 16.50 40.32
N MET A 740 -1.39 17.25 39.34
CA MET A 740 -0.61 16.68 38.27
C MET A 740 0.67 17.49 38.16
N ALA A 741 1.70 16.84 37.65
CA ALA A 741 2.99 17.50 37.46
C ALA A 741 2.82 18.79 36.67
N ALA A 742 1.89 18.75 35.69
CA ALA A 742 1.78 19.74 34.61
C ALA A 742 0.73 20.88 34.81
N THR A 743 0.25 21.08 36.04
CA THR A 743 -0.82 22.04 36.30
C THR A 743 -0.40 23.50 36.08
N ALA A 744 -1.04 24.16 35.12
CA ALA A 744 -0.66 25.54 34.74
C ALA A 744 -1.50 26.68 35.31
N ALA A 745 -0.81 27.80 35.58
CA ALA A 745 -1.42 29.10 35.88
C ALA A 745 -2.21 29.63 34.69
N PHE A 746 -1.73 29.24 33.50
CA PHE A 746 -2.33 29.59 32.22
C PHE A 746 -2.42 28.34 31.36
N ASN A 747 -3.61 28.08 30.80
CA ASN A 747 -3.80 26.88 29.96
C ASN A 747 -2.72 26.72 28.87
N LYS A 748 -2.25 27.84 28.33
CA LYS A 748 -1.20 27.81 27.31
C LYS A 748 0.14 27.18 27.75
N ASP A 749 0.35 27.09 29.07
CA ASP A 749 1.54 26.42 29.62
C ASP A 749 1.41 24.89 29.73
N ALA A 750 0.18 24.38 29.76
CA ALA A 750 -0.07 22.97 30.01
C ALA A 750 0.88 22.04 29.25
N LEU A 751 0.99 22.28 27.95
CA LEU A 751 1.70 21.37 27.08
C LEU A 751 3.21 21.43 27.37
N LEU A 752 3.71 22.61 27.72
CA LEU A 752 5.12 22.78 28.08
C LEU A 752 5.41 22.15 29.44
N ASN A 753 4.56 22.46 30.42
CA ASN A 753 4.58 21.79 31.72
C ASN A 753 4.66 20.25 31.59
N TRP A 754 3.88 19.69 30.67
CA TRP A 754 3.85 18.25 30.49
C TRP A 754 5.22 17.77 30.02
N LEU A 755 5.75 18.44 29.01
CA LEU A 755 7.08 18.12 28.53
C LEU A 755 8.12 18.24 29.66
N LYS A 756 8.05 19.32 30.44
CA LYS A 756 8.95 19.52 31.59
C LYS A 756 8.98 18.35 32.59
N SER A 757 7.81 17.86 32.95
CA SER A 757 7.69 16.75 33.88
C SER A 757 8.20 15.43 33.30
N LYS A 758 8.17 15.30 31.97
CA LYS A 758 8.65 14.09 31.32
C LYS A 758 10.14 14.16 31.02
N ASN A 759 10.69 15.38 31.07
CA ASN A 759 12.06 15.63 30.61
C ASN A 759 12.77 16.67 31.46
N PRO A 760 13.23 16.27 32.67
CA PRO A 760 13.80 17.24 33.59
C PRO A 760 15.24 17.66 33.27
N GLY A 761 15.70 18.71 33.96
CA GLY A 761 17.05 19.22 33.82
C GLY A 761 17.40 19.50 32.38
N GLU A 762 18.55 19.01 31.95
CA GLU A 762 19.03 19.27 30.60
C GLU A 762 18.32 18.49 29.52
N ALA A 763 17.45 17.55 29.90
CA ALA A 763 16.67 16.76 28.90
C ALA A 763 15.61 17.58 28.18
N LEU A 764 15.20 18.69 28.80
CA LEU A 764 14.13 19.52 28.28
C LEU A 764 14.43 20.10 26.90
N ASP A 765 15.65 20.61 26.73
CA ASP A 765 16.12 21.11 25.43
C ASP A 765 15.93 20.17 24.25
N ARG A 766 16.30 18.90 24.42
CA ARG A 766 16.18 17.95 23.31
C ARG A 766 14.72 17.63 23.01
N ALA A 767 13.88 17.64 24.05
CA ALA A 767 12.47 17.36 23.85
C ALA A 767 11.80 18.46 23.04
N ILE A 768 12.16 19.70 23.35
CA ILE A 768 11.72 20.85 22.55
C ILE A 768 12.25 20.82 21.10
N GLU A 769 13.44 20.28 20.91
CA GLU A 769 13.92 20.16 19.56
C GLU A 769 13.17 19.04 18.84
N GLU A 770 12.90 17.94 19.55
CA GLU A 770 12.14 16.82 18.98
C GLU A 770 10.75 17.34 18.56
N PHE A 771 10.12 18.10 19.45
CA PHE A 771 8.81 18.69 19.19
C PHE A 771 8.80 19.58 17.96
N THR A 772 9.86 20.38 17.79
CA THR A 772 9.98 21.38 16.73
C THR A 772 10.17 20.71 15.38
N LEU A 773 11.11 19.76 15.35
CA LEU A 773 11.36 18.97 14.16
C LEU A 773 10.07 18.23 13.74
N SER A 774 9.48 17.46 14.66
CA SER A 774 8.26 16.69 14.34
C SER A 774 7.10 17.60 13.88
N CYS A 775 6.92 18.72 14.58
CA CYS A 775 5.89 19.71 14.24
C CYS A 775 6.00 20.26 12.81
N ALA A 776 7.23 20.57 12.40
CA ALA A 776 7.53 20.99 11.04
C ALA A 776 7.15 19.96 10.00
N GLY A 777 7.52 18.71 10.25
CA GLY A 777 7.20 17.62 9.34
C GLY A 777 5.70 17.43 9.15
N TYR A 778 4.94 17.41 10.25
CA TYR A 778 3.50 17.22 10.15
C TYR A 778 2.80 18.44 9.60
N CYS A 779 3.37 19.63 9.81
CA CYS A 779 2.75 20.84 9.24
C CYS A 779 2.85 20.84 7.73
N VAL A 780 4.03 20.46 7.24
CA VAL A 780 4.30 20.36 5.81
C VAL A 780 3.50 19.21 5.19
N ALA A 781 3.50 18.03 5.83
CA ALA A 781 2.79 16.87 5.27
C ALA A 781 1.29 17.09 5.19
N THR A 782 0.72 17.70 6.22
CA THR A 782 -0.72 17.91 6.22
C THR A 782 -1.12 18.93 5.17
N TYR A 783 -0.22 19.87 4.89
CA TYR A 783 -0.48 20.90 3.93
C TYR A 783 -0.39 20.37 2.50
N VAL A 784 0.69 19.65 2.22
CA VAL A 784 0.88 19.06 0.90
C VAL A 784 -0.29 18.12 0.56
N LEU A 785 -0.74 17.33 1.54
CA LEU A 785 -1.82 16.35 1.33
C LEU A 785 -3.25 16.91 1.42
N GLY A 786 -3.39 18.18 1.76
CA GLY A 786 -4.71 18.81 1.86
C GLY A 786 -5.56 18.25 2.96
N ILE A 787 -4.96 18.07 4.13
CA ILE A 787 -5.62 17.47 5.27
C ILE A 787 -5.93 18.58 6.26
N GLY A 788 -7.20 18.73 6.59
CA GLY A 788 -7.64 19.71 7.58
C GLY A 788 -8.40 19.04 8.69
N ASP A 789 -9.10 19.86 9.48
CA ASP A 789 -9.78 19.43 10.71
C ASP A 789 -8.80 18.66 11.60
N ARG A 790 -7.57 19.16 11.62
CA ARG A 790 -6.68 18.81 12.68
C ARG A 790 -7.18 19.59 13.88
N HIS A 791 -7.13 18.95 15.05
CA HIS A 791 -7.51 19.56 16.32
C HIS A 791 -7.00 18.66 17.45
N SER A 792 -6.98 19.21 18.66
CA SER A 792 -6.28 18.61 19.80
C SER A 792 -6.64 17.14 20.09
N ASP A 793 -7.81 16.72 19.61
CA ASP A 793 -8.26 15.35 19.80
C ASP A 793 -7.50 14.36 18.93
N ASN A 794 -7.13 14.78 17.72
CA ASN A 794 -6.45 13.90 16.78
C ASN A 794 -4.99 14.23 16.51
N ILE A 795 -4.37 14.97 17.43
CA ILE A 795 -2.93 15.12 17.47
C ILE A 795 -2.43 14.55 18.79
N MET A 796 -1.26 13.89 18.75
CA MET A 796 -0.64 13.28 19.94
C MET A 796 0.83 13.69 20.10
N ILE A 797 1.34 13.50 21.30
CA ILE A 797 2.75 13.72 21.60
C ILE A 797 3.31 12.57 22.41
N ARG A 798 4.56 12.24 22.10
CA ARG A 798 5.34 11.29 22.84
C ARG A 798 6.11 11.95 23.98
N GLU A 799 6.55 11.15 24.94
CA GLU A 799 7.23 11.69 26.12
C GLU A 799 8.59 12.28 25.80
N SER A 800 9.07 11.97 24.60
CA SER A 800 10.33 12.44 24.10
C SER A 800 10.13 13.81 23.46
N GLY A 801 8.88 14.23 23.31
CA GLY A 801 8.59 15.53 22.66
C GLY A 801 7.98 15.40 21.27
N GLN A 802 8.16 14.22 20.64
CA GLN A 802 7.68 13.98 19.28
C GLN A 802 6.16 14.09 19.14
N LEU A 803 5.73 14.96 18.23
CA LEU A 803 4.32 15.18 17.94
C LEU A 803 3.95 14.35 16.71
N PHE A 804 2.73 13.80 16.67
CA PHE A 804 2.30 13.09 15.46
C PHE A 804 0.77 13.13 15.31
N HIS A 805 0.30 12.81 14.09
CA HIS A 805 -1.11 12.92 13.79
C HIS A 805 -1.83 11.57 13.71
N ILE A 806 -3.10 11.57 14.08
CA ILE A 806 -3.90 10.35 13.96
C ILE A 806 -5.23 10.64 13.29
N ASP A 807 -5.89 9.59 12.76
CA ASP A 807 -7.30 9.63 12.35
C ASP A 807 -7.61 10.77 11.39
N PHE A 808 -7.16 10.65 10.14
CA PHE A 808 -7.02 11.83 9.28
C PHE A 808 -8.18 12.76 8.94
N GLY A 809 -9.34 12.33 8.46
CA GLY A 809 -9.65 11.11 7.75
C GLY A 809 -10.34 11.67 6.50
N HIS A 810 -9.83 12.82 6.05
CA HIS A 810 -10.14 13.46 4.79
C HIS A 810 -8.81 13.98 4.25
N PHE A 811 -8.62 13.94 2.93
CA PHE A 811 -7.43 14.58 2.33
C PHE A 811 -7.73 15.22 0.98
N LEU A 812 -6.68 15.73 0.35
CA LEU A 812 -6.78 16.39 -0.95
C LEU A 812 -7.84 17.49 -0.97
N GLY A 813 -8.00 18.15 0.18
CA GLY A 813 -8.77 19.38 0.28
C GLY A 813 -10.26 19.20 0.24
N ASN A 814 -10.72 17.98 0.04
CA ASN A 814 -12.14 17.73 0.11
C ASN A 814 -12.49 17.24 1.51
N PHE A 815 -13.19 18.12 2.24
CA PHE A 815 -13.38 18.01 3.68
C PHE A 815 -14.71 17.36 4.03
N ARG A 825 -9.49 23.93 -0.93
CA ARG A 825 -8.09 24.36 -0.78
C ARG A 825 -7.77 24.64 0.68
N VAL A 826 -6.96 23.77 1.29
CA VAL A 826 -6.69 23.90 2.73
C VAL A 826 -5.42 24.68 3.11
N PRO A 827 -5.58 25.74 3.93
CA PRO A 827 -4.45 26.56 4.33
C PRO A 827 -3.44 25.80 5.19
N PHE A 828 -2.19 26.25 5.16
CA PHE A 828 -1.16 25.82 6.10
C PHE A 828 -1.60 26.23 7.50
N ILE A 829 -1.30 25.38 8.49
CA ILE A 829 -1.78 25.56 9.85
C ILE A 829 -0.68 25.70 10.91
N LEU A 830 -0.67 26.82 11.64
CA LEU A 830 0.14 26.95 12.84
C LEU A 830 -0.72 27.14 14.08
N THR A 831 -0.79 26.11 14.94
CA THR A 831 -1.51 26.25 16.21
C THR A 831 -0.63 27.01 17.18
N TYR A 832 -1.21 28.05 17.76
CA TYR A 832 -0.52 28.91 18.70
C TYR A 832 0.16 28.12 19.81
N ASP A 833 -0.46 27.03 20.22
CA ASP A 833 0.05 26.17 21.30
C ASP A 833 1.35 25.48 20.96
N PHE A 834 1.54 25.14 19.71
CA PHE A 834 2.81 24.53 19.30
C PHE A 834 3.88 25.62 19.14
N VAL A 835 3.46 26.75 18.59
CA VAL A 835 4.32 27.89 18.43
C VAL A 835 4.90 28.30 19.79
N HIS A 836 4.05 28.29 20.82
CA HIS A 836 4.46 28.60 22.19
C HIS A 836 5.57 27.68 22.71
N VAL A 837 5.42 26.37 22.45
CA VAL A 837 6.40 25.37 22.84
C VAL A 837 7.69 25.48 22.00
N ILE A 838 7.53 25.71 20.71
CA ILE A 838 8.68 25.89 19.83
C ILE A 838 9.53 27.06 20.35
N GLN A 839 8.86 28.06 20.89
CA GLN A 839 9.48 29.29 21.36
C GLN A 839 9.94 29.19 22.82
N GLN A 840 10.07 27.96 23.34
CA GLN A 840 10.59 27.71 24.69
C GLN A 840 9.77 28.41 25.80
N GLY A 841 8.51 28.71 25.51
CA GLY A 841 7.63 29.37 26.46
C GLY A 841 7.71 30.87 26.48
N LYS A 842 8.47 31.45 25.55
CA LYS A 842 8.54 32.93 25.49
C LYS A 842 7.52 33.51 24.52
N THR A 843 7.08 34.73 24.83
CA THR A 843 6.19 35.55 24.01
C THR A 843 6.82 35.86 22.65
N ASN A 844 8.12 36.18 22.65
CA ASN A 844 8.88 36.45 21.43
C ASN A 844 10.20 35.72 21.48
N ASN A 845 10.49 34.98 20.41
CA ASN A 845 11.71 34.20 20.34
C ASN A 845 11.98 33.86 18.88
N SER A 846 12.45 34.86 18.14
CA SER A 846 12.50 34.75 16.70
C SER A 846 13.66 33.88 16.26
N GLU A 847 14.61 33.67 17.17
CA GLU A 847 15.69 32.74 16.97
C GLU A 847 15.18 31.29 16.88
N LYS A 848 14.20 30.96 17.72
CA LYS A 848 13.63 29.60 17.71
C LYS A 848 12.53 29.42 16.68
N PHE A 849 11.69 30.43 16.53
CA PHE A 849 10.60 30.37 15.56
C PHE A 849 11.13 30.29 14.12
N GLU A 850 12.18 31.05 13.81
CA GLU A 850 12.77 31.00 12.46
C GLU A 850 13.61 29.76 12.15
N ARG A 851 14.26 29.15 13.15
CA ARG A 851 14.84 27.83 12.86
C ARG A 851 13.68 26.89 12.44
N PHE A 852 12.52 27.09 13.05
CA PHE A 852 11.32 26.30 12.70
C PHE A 852 10.89 26.53 11.26
N ARG A 853 10.80 27.80 10.86
CA ARG A 853 10.45 28.16 9.49
C ARG A 853 11.39 27.47 8.48
N GLY A 854 12.68 27.49 8.77
CA GLY A 854 13.69 26.82 7.95
C GLY A 854 13.39 25.34 7.77
N TYR A 855 13.14 24.66 8.89
CA TYR A 855 12.76 23.24 8.84
C TYR A 855 11.63 22.99 7.81
N CYS A 856 10.55 23.75 7.96
CA CYS A 856 9.40 23.68 7.06
C CYS A 856 9.75 23.93 5.62
N GLU A 857 10.60 24.94 5.40
CA GLU A 857 11.04 25.32 4.06
C GLU A 857 11.92 24.28 3.37
N ARG A 858 12.87 23.69 4.10
CA ARG A 858 13.67 22.55 3.63
C ARG A 858 12.80 21.31 3.32
N ALA A 859 11.90 20.97 4.26
CA ALA A 859 11.02 19.80 4.14
C ALA A 859 10.19 19.91 2.90
N TYR A 860 9.62 21.10 2.74
CA TYR A 860 8.78 21.41 1.61
C TYR A 860 9.54 21.41 0.29
N THR A 861 10.74 21.97 0.27
CA THR A 861 11.48 22.07 -0.99
C THR A 861 12.03 20.70 -1.45
N ILE A 862 12.37 19.82 -0.50
CA ILE A 862 12.79 18.47 -0.83
C ILE A 862 11.64 17.65 -1.47
N LEU A 863 10.41 17.81 -0.96
CA LEU A 863 9.27 17.09 -1.55
C LEU A 863 8.99 17.51 -3.00
N ARG A 864 9.08 18.82 -3.28
CA ARG A 864 8.97 19.34 -4.66
C ARG A 864 9.89 18.63 -5.67
N ARG A 865 11.11 18.30 -5.24
CA ARG A 865 12.05 17.58 -6.10
C ARG A 865 11.61 16.16 -6.45
N HIS A 866 10.72 15.57 -5.66
CA HIS A 866 10.16 14.26 -5.93
C HIS A 866 8.67 14.37 -6.17
N GLY A 867 8.24 15.53 -6.65
CA GLY A 867 6.82 15.77 -6.89
C GLY A 867 6.23 14.74 -7.80
N LEU A 868 6.97 14.39 -8.85
CA LEU A 868 6.51 13.41 -9.83
C LEU A 868 6.27 12.04 -9.23
N LEU A 869 7.06 11.67 -8.23
CA LEU A 869 6.89 10.39 -7.57
C LEU A 869 5.53 10.30 -6.84
N PHE A 870 5.16 11.34 -6.10
CA PHE A 870 3.84 11.39 -5.48
C PHE A 870 2.71 11.34 -6.50
N LEU A 871 2.84 12.12 -7.57
CA LEU A 871 1.84 12.14 -8.66
C LEU A 871 1.63 10.78 -9.32
N HIS A 872 2.73 10.09 -9.63
CA HIS A 872 2.62 8.75 -10.22
C HIS A 872 1.97 7.79 -9.26
N LEU A 873 2.38 7.85 -7.99
CA LEU A 873 1.81 7.02 -6.93
C LEU A 873 0.33 7.28 -6.67
N PHE A 874 -0.08 8.55 -6.63
CA PHE A 874 -1.50 8.83 -6.48
C PHE A 874 -2.30 8.41 -7.73
N ALA A 875 -1.69 8.50 -8.91
CA ALA A 875 -2.40 8.16 -10.15
C ALA A 875 -2.80 6.69 -10.13
N LEU A 876 -1.86 5.85 -9.70
CA LEU A 876 -2.10 4.43 -9.58
C LEU A 876 -3.16 4.13 -8.51
N MET A 877 -3.14 4.89 -7.41
CA MET A 877 -4.10 4.71 -6.30
C MET A 877 -5.54 4.96 -6.71
N ARG A 878 -5.75 5.79 -7.72
CA ARG A 878 -7.09 5.90 -8.29
C ARG A 878 -7.77 4.55 -8.45
N ALA A 879 -6.98 3.49 -8.69
CA ALA A 879 -7.53 2.12 -8.82
C ALA A 879 -8.23 1.58 -7.56
N ALA A 880 -8.01 2.23 -6.41
CA ALA A 880 -8.51 1.70 -5.13
C ALA A 880 -10.02 1.89 -4.90
N GLY A 881 -10.63 2.79 -5.68
CA GLY A 881 -12.03 3.13 -5.49
C GLY A 881 -12.32 3.96 -4.25
N LEU A 882 -11.29 4.54 -3.64
CA LEU A 882 -11.45 5.54 -2.56
C LEU A 882 -12.27 6.74 -3.06
N PRO A 883 -13.41 7.03 -2.41
CA PRO A 883 -14.25 8.14 -2.92
C PRO A 883 -13.50 9.48 -3.03
N GLU A 884 -12.54 9.71 -2.16
CA GLU A 884 -11.78 10.96 -2.19
C GLU A 884 -10.59 10.95 -3.15
N LEU A 885 -10.48 9.90 -3.95
CA LEU A 885 -9.35 9.75 -4.85
C LEU A 885 -9.78 8.98 -6.09
N SER A 886 -10.50 9.66 -6.98
CA SER A 886 -11.21 9.04 -8.10
C SER A 886 -11.11 9.80 -9.43
N CYS A 887 -11.12 11.13 -9.35
CA CYS A 887 -11.03 11.99 -10.52
C CYS A 887 -9.72 12.78 -10.55
N SER A 888 -9.65 13.76 -11.45
CA SER A 888 -8.42 14.50 -11.69
C SER A 888 -8.26 15.72 -10.79
N LYS A 889 -9.38 16.30 -10.35
CA LYS A 889 -9.34 17.42 -9.42
C LYS A 889 -8.68 17.04 -8.09
N ASP A 890 -8.57 15.74 -7.83
CA ASP A 890 -7.86 15.21 -6.66
C ASP A 890 -6.35 15.23 -6.89
N ILE A 891 -5.91 14.79 -8.07
CA ILE A 891 -4.51 14.85 -8.47
C ILE A 891 -4.03 16.29 -8.57
N GLN A 892 -4.89 17.16 -9.11
CA GLN A 892 -4.64 18.58 -9.25
C GLN A 892 -4.32 19.20 -7.90
N TYR A 893 -4.97 18.69 -6.86
CA TYR A 893 -4.74 19.23 -5.53
C TYR A 893 -3.26 19.17 -5.18
N LEU A 894 -2.64 18.01 -5.44
CA LEU A 894 -1.19 17.82 -5.27
C LEU A 894 -0.34 18.66 -6.21
N LYS A 895 -0.81 18.83 -7.45
CA LYS A 895 -0.13 19.73 -8.39
C LYS A 895 -0.03 21.12 -7.77
N ASP A 896 -1.11 21.60 -7.20
CA ASP A 896 -1.14 22.94 -6.61
C ASP A 896 -0.33 23.04 -5.32
N SER A 897 -0.38 22.02 -4.48
CA SER A 897 0.35 22.08 -3.22
C SER A 897 1.88 22.00 -3.39
N LEU A 898 2.34 21.23 -4.36
CA LEU A 898 3.77 21.15 -4.64
C LEU A 898 4.25 22.19 -5.67
N ALA A 899 3.32 23.04 -6.15
CA ALA A 899 3.63 24.08 -7.15
C ALA A 899 4.64 23.61 -8.20
N LEU A 900 4.42 22.43 -8.76
CA LEU A 900 5.39 21.82 -9.65
C LEU A 900 5.65 22.61 -10.93
N GLY A 901 4.66 23.38 -11.37
CA GLY A 901 4.83 24.21 -12.57
C GLY A 901 5.57 25.51 -12.34
N LYS A 902 6.14 25.67 -11.15
CA LYS A 902 6.88 26.88 -10.81
C LYS A 902 8.37 26.59 -10.68
N THR A 903 9.16 27.65 -10.69
CA THR A 903 10.58 27.57 -10.35
C THR A 903 10.66 27.38 -8.85
N GLU A 904 11.79 26.91 -8.33
CA GLU A 904 11.92 26.74 -6.90
C GLU A 904 11.88 28.07 -6.14
N GLU A 905 12.39 29.13 -6.74
CA GLU A 905 12.34 30.44 -6.11
C GLU A 905 10.88 30.89 -6.04
N GLU A 906 10.16 30.63 -7.13
CA GLU A 906 8.75 30.99 -7.26
C GLU A 906 7.90 30.30 -6.20
N ALA A 907 7.90 28.96 -6.20
CA ALA A 907 7.13 28.17 -5.24
C ALA A 907 7.47 28.50 -3.79
N LEU A 908 8.76 28.64 -3.50
CA LEU A 908 9.20 29.00 -2.17
C LEU A 908 8.67 30.37 -1.67
N LYS A 909 8.51 31.34 -2.56
CA LYS A 909 7.89 32.60 -2.17
C LYS A 909 6.40 32.37 -1.88
N HIS A 910 5.77 31.63 -2.78
CA HIS A 910 4.36 31.26 -2.67
C HIS A 910 4.11 30.60 -1.32
N PHE A 911 4.93 29.61 -1.00
CA PHE A 911 4.83 28.88 0.26
C PHE A 911 5.02 29.83 1.46
N ARG A 912 5.92 30.81 1.29
CA ARG A 912 6.17 31.81 2.34
C ARG A 912 4.98 32.69 2.64
N VAL A 913 4.17 32.97 1.61
CA VAL A 913 2.93 33.72 1.82
C VAL A 913 1.97 32.84 2.62
N LYS A 914 1.87 31.57 2.23
CA LYS A 914 1.02 30.61 2.92
C LYS A 914 1.38 30.49 4.40
N PHE A 915 2.68 30.42 4.68
CA PHE A 915 3.20 30.27 6.05
C PHE A 915 2.93 31.52 6.90
N ASN A 916 3.20 32.69 6.34
CA ASN A 916 2.93 33.97 7.01
C ASN A 916 1.45 34.18 7.30
N GLU A 917 0.61 33.79 6.34
CA GLU A 917 -0.85 33.77 6.54
C GLU A 917 -1.23 32.88 7.73
N ALA A 918 -0.56 31.75 7.85
CA ALA A 918 -0.79 30.85 8.98
C ALA A 918 -0.40 31.49 10.32
N LEU A 919 0.68 32.28 10.31
CA LEU A 919 1.17 32.93 11.53
C LEU A 919 0.19 33.98 12.09
N ARG A 920 -0.41 34.77 11.19
CA ARG A 920 -1.44 35.72 11.54
C ARG A 920 -2.67 35.02 12.13
N GLU A 921 -3.06 33.91 11.49
CA GLU A 921 -4.17 33.10 11.96
C GLU A 921 -3.91 32.49 13.35
N SER A 922 -2.64 32.28 13.69
CA SER A 922 -2.23 31.82 15.02
C SER A 922 -2.37 32.99 16.01
N TRP A 923 -3.45 32.98 16.80
CA TRP A 923 -4.02 34.18 17.50
C TRP A 923 -3.84 35.51 16.77
CAA RW3 B . -5.50 7.64 25.04
CAB RW3 B . -4.26 8.16 25.70
NAI RW3 B . -3.98 7.40 26.89
CAJ RW3 B . -2.80 7.93 27.53
CAQ RW3 B . -3.65 6.06 26.51
CAP RW3 B . -4.81 5.38 25.86
NAH RW3 B . -5.44 6.22 24.87
CAG RW3 B . -6.06 5.54 23.90
NAF RW3 B . -6.73 4.50 24.32
CAE RW3 B . -7.40 3.69 23.53
CAD RW3 B . -8.09 2.58 24.01
CAC RW3 B . -8.76 1.74 23.16
CAK RW3 B . -8.74 1.99 21.82
CAL RW3 B . -8.07 3.07 21.35
CAM RW3 B . -7.38 3.91 22.20
CAN RW3 B . -6.70 4.98 21.73
CAO RW3 B . -6.01 5.83 22.57
CAR RW3 B . -5.26 6.97 21.90
NAV RW3 B . -4.62 6.47 20.67
NBA RW3 B . -5.17 6.49 19.60
C6 RW3 B . -3.47 5.93 20.56
N1 RW3 B . -2.54 5.68 21.43
C2 RW3 B . -1.43 5.10 21.07
N3 RW3 B . -1.21 4.76 19.85
C4 RW3 B . -2.09 4.97 18.94
NAZ RW3 B . -1.74 4.60 17.76
C5 RW3 B . -3.29 5.60 19.26
CBB RW3 B . -4.47 5.97 18.65
CBD RW3 B . -4.90 5.93 17.32
CBC RW3 B . -6.23 5.79 16.96
CBE RW3 B . -4.04 6.11 16.31
CBH RW3 B . -4.45 6.11 15.02
CBG RW3 B . -5.73 5.95 14.66
NBO RW3 B . -6.24 5.95 13.45
CBF RW3 B . -6.67 5.78 15.65
SBJ RW3 B . -8.09 5.63 14.85
CBN RW3 B . -7.52 5.79 13.41
NBM RW3 B . -8.16 5.75 12.28
CBL RW3 B . -9.44 5.57 12.40
CBK RW3 B . -10.26 5.49 11.14
OBI RW3 B . -9.93 5.50 13.48
#